data_4UCL
#
_entry.id   4UCL
#
_cell.length_a   78.780
_cell.length_b   83.410
_cell.length_c   182.920
_cell.angle_alpha   90.00
_cell.angle_beta   90.00
_cell.angle_gamma   90.00
#
_symmetry.space_group_name_H-M   'P 21 21 21'
#
loop_
_entity.id
_entity.type
_entity.pdbx_description
1 polymer 'RNA-DIRECTED RNA POLYMERASE L'
2 non-polymer 'ZINC ION'
3 non-polymer 'SULFATE ION'
4 water water
#
_entity_poly.entity_id   1
_entity_poly.type   'polypeptide(L)'
_entity_poly.pdbx_seq_one_letter_code
;MALLTPIPSPMVNLTQVIDPTEQLAYFPKITFERLKNYDTSSNYAKGKLTRNYMILLPWQHVNRYNFVFSSTGCKVSLKT
CIGKLMKDLNPKVLYFIGEGAGNWMARTACEYPDIKFVYRSLKDDLDHHYPLEYQRVIGELSRIIDSGEGLSMETTDATQ
KTHWDLIHRVSKDALLITLCDAEFKDRDDFFKMVILWRKHVLSCRICTTYGTDLYLFAKYHAKDCNVKLPFFVRSVATFI
MQGSKLSGSECYILLTLGHHNNLPCHGEIQNSKMKIAVCNDFYAAKKLDNKSIEANCKSLLSGLRIPINKKELNRQRRLL
TLQSNHSSVATVGGSKVIESKWLTNKANTIIDWLEHILNSPKGELNYDFFEALENTYPNMIKLIDNLGNAEIKKLIKVTG
YMLVSKKSGHHHHHH
;
_entity_poly.pdbx_strand_id   A,B
#
loop_
_chem_comp.id
_chem_comp.type
_chem_comp.name
_chem_comp.formula
SO4 non-polymer 'SULFATE ION' 'O4 S -2'
ZN non-polymer 'ZINC ION' 'Zn 2'
#
# COMPACT_ATOMS: atom_id res chain seq x y z
N VAL A 17 26.35 31.74 9.20
CA VAL A 17 25.34 32.49 8.46
C VAL A 17 24.21 31.56 7.91
N ILE A 18 24.18 30.30 8.37
CA ILE A 18 23.18 29.31 7.96
C ILE A 18 22.42 28.74 9.18
N ASP A 19 21.07 28.64 9.10
CA ASP A 19 20.23 28.05 10.13
C ASP A 19 20.05 26.57 9.79
N PRO A 20 20.44 25.63 10.69
CA PRO A 20 20.34 24.20 10.34
C PRO A 20 18.92 23.70 10.09
N THR A 21 17.95 24.14 10.90
CA THR A 21 16.54 23.73 10.81
C THR A 21 15.88 24.11 9.46
N GLU A 22 16.38 25.21 8.81
CA GLU A 22 15.91 25.67 7.51
C GLU A 22 16.34 24.69 6.40
N GLN A 23 17.58 24.16 6.52
CA GLN A 23 18.20 23.22 5.60
C GLN A 23 17.52 21.84 5.61
N LEU A 24 16.84 21.50 6.71
CA LEU A 24 16.14 20.23 6.90
C LEU A 24 15.02 19.97 5.87
N ALA A 25 14.43 21.04 5.30
CA ALA A 25 13.39 20.96 4.28
C ALA A 25 13.91 20.43 2.92
N TYR A 26 15.24 20.30 2.78
CA TYR A 26 15.87 19.77 1.56
C TYR A 26 16.02 18.24 1.66
N PHE A 27 15.82 17.68 2.87
CA PHE A 27 15.87 16.25 3.15
C PHE A 27 14.46 15.67 3.00
N PRO A 28 14.30 14.49 2.35
CA PRO A 28 12.95 13.92 2.20
C PRO A 28 12.47 13.20 3.46
N LYS A 29 11.15 13.00 3.58
CA LYS A 29 10.55 12.28 4.70
C LYS A 29 10.92 10.82 4.51
N ILE A 30 11.27 10.14 5.62
CA ILE A 30 11.72 8.76 5.66
C ILE A 30 10.58 7.79 6.06
N THR A 31 10.44 6.73 5.26
CA THR A 31 9.49 5.65 5.47
C THR A 31 10.33 4.46 5.88
N PHE A 32 9.93 3.80 6.97
CA PHE A 32 10.68 2.68 7.53
C PHE A 32 9.78 1.78 8.34
N GLU A 33 10.32 0.62 8.73
CA GLU A 33 9.62 -0.31 9.62
C GLU A 33 10.53 -0.69 10.77
N ARG A 34 10.02 -0.62 12.00
CA ARG A 34 10.73 -1.00 13.21
C ARG A 34 10.22 -2.37 13.63
N LEU A 35 11.15 -3.29 13.93
CA LEU A 35 10.84 -4.64 14.40
C LEU A 35 11.45 -4.80 15.79
N LYS A 36 10.63 -4.62 16.82
CA LYS A 36 11.05 -4.71 18.22
C LYS A 36 11.36 -6.16 18.62
N ASN A 37 12.46 -6.36 19.37
CA ASN A 37 12.95 -7.65 19.83
C ASN A 37 12.26 -8.06 21.12
N LYS A 46 3.75 -17.54 9.69
CA LYS A 46 3.68 -16.22 9.02
C LYS A 46 4.05 -16.28 7.52
N GLY A 47 3.02 -16.16 6.67
CA GLY A 47 3.11 -16.16 5.21
C GLY A 47 4.12 -15.18 4.64
N LYS A 48 4.64 -15.50 3.44
CA LYS A 48 5.67 -14.74 2.74
C LYS A 48 5.05 -13.78 1.71
N LEU A 49 5.59 -12.54 1.65
CA LEU A 49 5.15 -11.53 0.69
C LEU A 49 6.21 -11.40 -0.38
N THR A 50 5.83 -11.69 -1.62
CA THR A 50 6.76 -11.61 -2.74
C THR A 50 6.18 -10.84 -3.90
N ARG A 51 7.05 -10.05 -4.53
CA ARG A 51 6.80 -9.25 -5.70
C ARG A 51 8.11 -9.11 -6.45
N ASN A 52 8.15 -9.58 -7.70
CA ASN A 52 9.37 -9.53 -8.51
C ASN A 52 9.39 -8.30 -9.41
N TYR A 53 9.94 -7.20 -8.89
CA TYR A 53 10.06 -5.99 -9.67
C TYR A 53 11.20 -6.13 -10.69
N MET A 54 10.86 -6.03 -12.00
CA MET A 54 11.84 -6.09 -13.07
C MET A 54 12.52 -4.73 -13.22
N ILE A 55 13.41 -4.40 -12.25
CA ILE A 55 14.15 -3.13 -12.24
C ILE A 55 15.65 -3.40 -12.20
N LEU A 56 16.41 -2.66 -13.03
CA LEU A 56 17.86 -2.76 -13.17
C LEU A 56 18.59 -1.53 -12.62
N LEU A 57 17.83 -0.47 -12.25
CA LEU A 57 18.37 0.80 -11.79
C LEU A 57 18.22 1.09 -10.26
N PRO A 58 19.15 1.89 -9.66
CA PRO A 58 19.06 2.22 -8.22
C PRO A 58 18.04 3.31 -7.92
N TRP A 59 16.75 2.96 -8.00
CA TRP A 59 15.63 3.86 -7.78
C TRP A 59 15.55 4.47 -6.40
N GLN A 60 16.32 3.96 -5.41
CA GLN A 60 16.32 4.52 -4.04
C GLN A 60 16.96 5.93 -3.96
N HIS A 61 17.56 6.39 -5.07
CA HIS A 61 18.19 7.70 -5.24
C HIS A 61 17.22 8.72 -5.86
N VAL A 62 15.97 8.28 -6.16
CA VAL A 62 14.92 9.08 -6.80
C VAL A 62 14.62 10.38 -6.04
N ASN A 63 14.62 10.35 -4.70
CA ASN A 63 14.31 11.54 -3.90
C ASN A 63 15.56 12.24 -3.34
N ARG A 64 16.75 11.86 -3.84
CA ARG A 64 18.03 12.39 -3.34
C ARG A 64 18.73 13.45 -4.21
N TYR A 65 17.99 14.11 -5.14
CA TYR A 65 18.49 15.12 -6.08
C TYR A 65 19.13 16.35 -5.41
N ASN A 66 18.78 16.67 -4.15
CA ASN A 66 19.31 17.83 -3.42
C ASN A 66 20.70 17.60 -2.78
N PHE A 67 21.26 16.37 -2.94
CA PHE A 67 22.54 16.00 -2.34
C PHE A 67 23.52 15.53 -3.40
N VAL A 68 24.82 15.86 -3.23
CA VAL A 68 25.86 15.62 -4.25
C VAL A 68 26.83 14.45 -3.96
N PHE A 69 27.63 14.50 -2.85
CA PHE A 69 28.68 13.53 -2.52
C PHE A 69 28.28 12.32 -1.68
N SER A 70 27.22 12.46 -0.88
CA SER A 70 26.72 11.47 0.06
C SER A 70 25.24 11.80 0.23
N SER A 71 24.39 10.79 0.43
CA SER A 71 22.95 11.02 0.56
C SER A 71 22.27 10.06 1.56
N THR A 72 23.06 9.46 2.49
CA THR A 72 22.61 8.52 3.54
C THR A 72 21.42 9.08 4.35
N GLY A 73 21.45 10.38 4.65
CA GLY A 73 20.39 11.08 5.38
C GLY A 73 19.03 11.07 4.72
N CYS A 74 18.95 10.72 3.41
CA CYS A 74 17.69 10.58 2.70
C CYS A 74 17.06 9.23 3.01
N LYS A 75 17.89 8.28 3.47
CA LYS A 75 17.52 6.92 3.79
C LYS A 75 17.30 6.70 5.28
N VAL A 76 18.16 7.26 6.15
CA VAL A 76 18.09 7.05 7.59
C VAL A 76 18.23 8.38 8.38
N SER A 77 17.50 8.52 9.50
CA SER A 77 17.47 9.73 10.33
C SER A 77 17.26 9.36 11.79
N LEU A 78 18.01 10.02 12.68
CA LEU A 78 17.92 9.74 14.11
C LEU A 78 16.63 10.24 14.75
N LYS A 79 16.09 11.38 14.30
CA LYS A 79 14.84 11.93 14.84
C LYS A 79 13.63 11.09 14.45
N THR A 80 13.65 10.47 13.25
CA THR A 80 12.53 9.65 12.79
C THR A 80 12.57 8.23 13.38
N CYS A 81 13.76 7.60 13.37
CA CYS A 81 13.98 6.23 13.83
C CYS A 81 14.14 6.07 15.35
N ILE A 82 15.07 6.84 15.97
CA ILE A 82 15.37 6.72 17.40
C ILE A 82 15.15 8.05 18.17
N GLY A 83 14.11 8.78 17.76
CA GLY A 83 13.71 10.06 18.34
C GLY A 83 13.55 10.07 19.84
N LYS A 84 12.90 9.02 20.39
CA LYS A 84 12.66 8.86 21.83
C LYS A 84 13.97 8.68 22.58
N LEU A 85 14.87 7.80 22.08
CA LEU A 85 16.18 7.52 22.67
C LEU A 85 17.05 8.76 22.70
N MET A 86 16.96 9.58 21.64
CA MET A 86 17.68 10.85 21.52
C MET A 86 17.20 11.83 22.60
N LYS A 87 15.88 11.83 22.88
CA LYS A 87 15.25 12.67 23.89
C LYS A 87 15.60 12.18 25.30
N ASP A 88 15.46 10.86 25.54
CA ASP A 88 15.72 10.23 26.85
C ASP A 88 17.19 10.29 27.27
N LEU A 89 18.12 9.97 26.35
CA LEU A 89 19.55 10.01 26.66
C LEU A 89 20.15 11.43 26.62
N ASN A 90 19.61 12.29 25.73
CA ASN A 90 20.04 13.67 25.50
C ASN A 90 21.59 13.79 25.36
N PRO A 91 22.19 13.16 24.32
CA PRO A 91 23.65 13.23 24.19
C PRO A 91 24.13 14.59 23.74
N LYS A 92 25.26 15.05 24.30
CA LYS A 92 25.87 16.32 23.95
C LYS A 92 26.78 16.15 22.73
N VAL A 93 27.35 14.93 22.57
CA VAL A 93 28.27 14.51 21.50
C VAL A 93 27.76 13.21 20.92
N LEU A 94 27.81 13.11 19.57
CA LEU A 94 27.44 11.90 18.84
C LEU A 94 28.66 11.37 18.11
N TYR A 95 28.82 10.03 18.08
CA TYR A 95 29.97 9.37 17.45
C TYR A 95 29.58 8.67 16.16
N PHE A 96 30.12 9.15 15.02
CA PHE A 96 29.83 8.64 13.68
C PHE A 96 31.03 7.90 13.06
N ILE A 97 30.83 6.62 12.74
CA ILE A 97 31.82 5.77 12.08
C ILE A 97 31.28 5.35 10.71
N GLY A 98 32.18 5.26 9.73
CA GLY A 98 31.88 4.84 8.37
C GLY A 98 31.27 5.82 7.39
N GLU A 99 30.90 7.05 7.82
CA GLU A 99 30.29 8.01 6.88
C GLU A 99 31.28 8.53 5.82
N GLY A 100 30.83 8.56 4.57
CA GLY A 100 31.60 9.04 3.42
C GLY A 100 31.79 10.54 3.53
N ALA A 101 30.88 11.32 2.92
CA ALA A 101 30.93 12.78 3.00
C ALA A 101 30.09 13.33 4.17
N GLY A 102 29.66 12.45 5.09
CA GLY A 102 28.90 12.82 6.28
C GLY A 102 27.54 13.45 6.04
N ASN A 103 26.69 12.83 5.19
CA ASN A 103 25.34 13.35 4.93
C ASN A 103 24.36 12.99 6.05
N TRP A 104 24.55 11.83 6.70
CA TRP A 104 23.72 11.38 7.81
C TRP A 104 23.97 12.31 9.01
N MET A 105 25.26 12.63 9.25
CA MET A 105 25.72 13.55 10.27
C MET A 105 25.16 14.93 9.96
N ALA A 106 25.16 15.34 8.66
CA ALA A 106 24.60 16.63 8.23
C ALA A 106 23.13 16.73 8.56
N ARG A 107 22.34 15.65 8.33
CA ARG A 107 20.91 15.63 8.67
C ARG A 107 20.72 15.76 10.18
N THR A 108 21.53 15.02 10.98
CA THR A 108 21.50 15.03 12.44
C THR A 108 21.72 16.44 12.99
N ALA A 109 22.67 17.19 12.40
CA ALA A 109 23.00 18.57 12.78
C ALA A 109 21.83 19.53 12.57
N CYS A 110 20.94 19.21 11.61
CA CYS A 110 19.74 19.99 11.29
C CYS A 110 18.61 19.66 12.24
N GLU A 111 18.50 18.39 12.63
CA GLU A 111 17.46 17.88 13.53
C GLU A 111 17.78 18.25 14.98
N TYR A 112 19.08 18.26 15.33
CA TYR A 112 19.58 18.55 16.67
C TYR A 112 20.63 19.65 16.55
N PRO A 113 20.22 20.94 16.55
CA PRO A 113 21.17 22.04 16.29
C PRO A 113 22.25 22.34 17.34
N ASP A 114 22.19 21.72 18.55
CA ASP A 114 23.20 21.97 19.59
C ASP A 114 24.17 20.79 19.80
N ILE A 115 23.96 19.68 19.09
CA ILE A 115 24.81 18.50 19.22
C ILE A 115 26.15 18.68 18.52
N LYS A 116 27.23 18.23 19.16
CA LYS A 116 28.60 18.23 18.63
C LYS A 116 28.89 16.82 18.11
N PHE A 117 29.88 16.66 17.21
CA PHE A 117 30.18 15.35 16.60
C PHE A 117 31.62 14.93 16.63
N VAL A 118 31.81 13.61 16.64
CA VAL A 118 33.09 12.92 16.53
C VAL A 118 32.93 12.03 15.29
N TYR A 119 33.75 12.30 14.28
CA TYR A 119 33.72 11.66 12.97
C TYR A 119 34.93 10.77 12.74
N ARG A 120 34.68 9.59 12.20
CA ARG A 120 35.68 8.60 11.82
C ARG A 120 35.25 7.92 10.53
N SER A 121 36.21 7.70 9.62
CA SER A 121 36.03 6.98 8.34
C SER A 121 37.38 6.61 7.79
N LEU A 122 37.50 5.37 7.26
CA LEU A 122 38.74 4.84 6.71
C LEU A 122 39.45 5.75 5.72
N LYS A 123 40.73 6.08 6.03
CA LYS A 123 41.59 6.91 5.19
C LYS A 123 42.01 6.10 3.97
N ASP A 124 41.17 6.18 2.92
CA ASP A 124 41.34 5.47 1.65
C ASP A 124 41.29 6.44 0.47
N ASP A 125 41.81 5.97 -0.68
CA ASP A 125 41.80 6.67 -1.97
C ASP A 125 40.44 6.35 -2.65
N LEU A 126 39.73 5.32 -2.11
CA LEU A 126 38.43 4.80 -2.52
C LEU A 126 37.31 5.86 -2.25
N ASP A 127 36.68 5.80 -1.05
CA ASP A 127 35.61 6.71 -0.62
C ASP A 127 36.20 7.86 0.24
N HIS A 128 35.40 8.93 0.45
CA HIS A 128 35.75 10.12 1.25
C HIS A 128 36.11 9.78 2.70
N HIS A 129 37.16 10.44 3.21
CA HIS A 129 37.62 10.35 4.60
C HIS A 129 37.45 11.73 5.30
N TYR A 130 36.71 12.64 4.61
CA TYR A 130 36.37 14.00 5.04
C TYR A 130 34.86 14.27 4.82
N PRO A 131 34.16 14.98 5.75
CA PRO A 131 32.73 15.25 5.53
C PRO A 131 32.44 16.42 4.58
N LEU A 132 32.49 16.13 3.27
CA LEU A 132 32.22 17.12 2.21
C LEU A 132 30.78 17.62 2.22
N GLU A 133 29.80 16.69 2.40
CA GLU A 133 28.36 16.96 2.43
C GLU A 133 27.98 17.80 3.62
N TYR A 134 28.54 17.49 4.81
CA TYR A 134 28.30 18.25 6.03
C TYR A 134 28.78 19.71 5.81
N GLN A 135 29.95 19.90 5.19
CA GLN A 135 30.50 21.21 4.87
C GLN A 135 29.60 21.95 3.86
N ARG A 136 28.95 21.20 2.96
CA ARG A 136 28.06 21.77 1.96
C ARG A 136 26.69 22.15 2.58
N VAL A 137 26.08 21.23 3.36
CA VAL A 137 24.78 21.41 4.01
C VAL A 137 24.89 22.41 5.15
N ILE A 138 25.63 22.05 6.22
CA ILE A 138 25.89 22.93 7.37
C ILE A 138 26.92 23.94 6.84
N GLY A 139 26.93 25.14 7.35
CA GLY A 139 27.91 26.12 6.90
C GLY A 139 29.36 25.65 7.05
N GLU A 140 29.85 25.64 8.30
CA GLU A 140 31.21 25.29 8.71
C GLU A 140 31.29 23.94 9.47
N LEU A 141 32.51 23.58 9.91
CA LEU A 141 32.80 22.36 10.65
C LEU A 141 33.06 22.63 12.14
N SER A 142 32.54 23.74 12.68
CA SER A 142 32.75 24.12 14.09
C SER A 142 32.14 23.13 15.10
N ARG A 143 31.09 22.41 14.69
CA ARG A 143 30.41 21.42 15.54
C ARG A 143 31.05 20.04 15.46
N ILE A 144 31.97 19.85 14.50
CA ILE A 144 32.74 18.61 14.39
C ILE A 144 33.99 18.87 15.21
N ILE A 145 33.93 18.48 16.48
CA ILE A 145 35.02 18.69 17.45
C ILE A 145 36.20 17.74 17.22
N ASP A 146 35.98 16.62 16.50
CA ASP A 146 37.00 15.64 16.14
C ASP A 146 36.63 15.10 14.76
N SER A 147 37.42 15.48 13.74
CA SER A 147 37.21 15.09 12.34
C SER A 147 38.10 13.92 11.91
N GLY A 148 38.90 13.41 12.82
CA GLY A 148 39.80 12.29 12.55
C GLY A 148 41.09 12.68 11.83
N GLU A 149 41.41 13.98 11.82
CA GLU A 149 42.59 14.55 11.16
C GLU A 149 43.87 14.17 11.89
N GLY A 150 44.92 13.85 11.12
CA GLY A 150 46.21 13.45 11.66
C GLY A 150 46.33 11.98 11.98
N LEU A 151 45.19 11.26 12.07
CA LEU A 151 45.14 9.83 12.35
C LEU A 151 45.59 9.00 11.17
N SER A 152 46.16 7.82 11.47
CA SER A 152 46.65 6.83 10.52
C SER A 152 45.48 6.02 9.95
N MET A 153 45.78 5.02 9.11
CA MET A 153 44.75 4.18 8.51
C MET A 153 44.09 3.25 9.54
N GLU A 154 44.89 2.67 10.46
CA GLU A 154 44.36 1.76 11.48
C GLU A 154 43.60 2.49 12.60
N THR A 155 43.96 3.75 12.90
CA THR A 155 43.29 4.55 13.93
C THR A 155 41.94 5.10 13.43
N THR A 156 41.62 4.91 12.14
CA THR A 156 40.36 5.29 11.51
C THR A 156 39.51 4.03 11.18
N ASP A 157 40.14 2.82 11.26
CA ASP A 157 39.52 1.52 11.00
C ASP A 157 38.82 0.98 12.25
N ALA A 158 37.48 0.93 12.22
CA ALA A 158 36.63 0.45 13.32
C ALA A 158 36.83 -1.04 13.66
N THR A 159 37.53 -1.80 12.81
CA THR A 159 37.83 -3.22 13.05
C THR A 159 39.20 -3.37 13.76
N GLN A 160 39.83 -2.24 14.14
CA GLN A 160 41.13 -2.16 14.83
C GLN A 160 40.97 -1.54 16.23
N LYS A 161 41.65 -2.13 17.24
CA LYS A 161 41.62 -1.68 18.64
C LYS A 161 42.01 -0.23 18.84
N THR A 162 43.06 0.25 18.12
CA THR A 162 43.59 1.61 18.23
C THR A 162 42.57 2.71 17.89
N HIS A 163 41.60 2.40 17.00
CA HIS A 163 40.52 3.34 16.63
C HIS A 163 39.71 3.66 17.86
N TRP A 164 39.36 2.62 18.60
CA TRP A 164 38.56 2.74 19.81
C TRP A 164 39.35 3.35 20.94
N ASP A 165 40.66 3.08 20.99
CA ASP A 165 41.57 3.61 22.01
C ASP A 165 41.74 5.13 21.90
N LEU A 166 41.66 5.67 20.67
CA LEU A 166 41.82 7.10 20.42
C LEU A 166 40.51 7.86 20.14
N ILE A 167 39.35 7.21 20.37
CA ILE A 167 38.04 7.83 20.16
C ILE A 167 37.78 9.01 21.12
N HIS A 168 38.48 9.05 22.28
CA HIS A 168 38.32 10.08 23.31
C HIS A 168 39.43 11.13 23.32
N ARG A 169 40.20 11.25 22.21
CA ARG A 169 41.30 12.23 22.13
C ARG A 169 40.85 13.69 22.27
N VAL A 170 39.59 14.00 21.90
CA VAL A 170 38.99 15.33 22.02
C VAL A 170 37.78 15.24 22.94
N SER A 171 36.77 14.45 22.54
CA SER A 171 35.54 14.29 23.31
C SER A 171 35.72 13.39 24.53
N LYS A 172 35.43 13.95 25.71
CA LYS A 172 35.51 13.24 26.98
C LYS A 172 34.12 12.78 27.44
N ASP A 173 33.16 12.77 26.49
CA ASP A 173 31.78 12.33 26.67
C ASP A 173 31.68 10.84 26.29
N ALA A 174 30.95 10.04 27.09
CA ALA A 174 30.77 8.61 26.84
C ALA A 174 30.06 8.33 25.51
N LEU A 175 30.28 7.13 24.93
CA LEU A 175 29.62 6.76 23.66
C LEU A 175 28.19 6.30 23.95
N LEU A 176 27.31 7.27 24.25
CA LEU A 176 25.89 7.07 24.54
C LEU A 176 25.22 6.49 23.31
N ILE A 177 25.40 7.14 22.15
CA ILE A 177 24.87 6.70 20.86
C ILE A 177 26.01 6.76 19.84
N THR A 178 26.33 5.59 19.27
CA THR A 178 27.38 5.42 18.26
C THR A 178 26.70 4.98 16.96
N LEU A 179 26.93 5.72 15.88
CA LEU A 179 26.33 5.48 14.58
C LEU A 179 27.34 4.91 13.65
N CYS A 180 27.04 3.73 13.06
CA CYS A 180 27.94 3.07 12.15
C CYS A 180 27.27 2.77 10.83
N ASP A 181 27.80 3.33 9.75
CA ASP A 181 27.28 3.15 8.39
C ASP A 181 28.40 2.61 7.50
N ALA A 182 29.40 1.96 8.09
CA ALA A 182 30.51 1.35 7.37
C ALA A 182 30.05 0.12 6.62
N GLU A 183 30.64 -0.11 5.43
CA GLU A 183 30.38 -1.28 4.60
C GLU A 183 31.55 -2.22 4.85
N PHE A 184 31.26 -3.37 5.47
CA PHE A 184 32.32 -4.32 5.78
C PHE A 184 32.45 -5.35 4.68
N LYS A 185 33.68 -5.88 4.47
CA LYS A 185 33.95 -6.93 3.49
C LYS A 185 33.15 -8.18 3.80
N ASP A 186 33.20 -8.64 5.05
CA ASP A 186 32.45 -9.80 5.52
C ASP A 186 31.83 -9.56 6.89
N ARG A 187 30.96 -10.48 7.35
CA ARG A 187 30.29 -10.42 8.65
C ARG A 187 31.30 -10.50 9.81
N ASP A 188 32.46 -11.16 9.58
CA ASP A 188 33.50 -11.29 10.60
C ASP A 188 34.12 -9.94 10.91
N ASP A 189 34.20 -9.05 9.91
CA ASP A 189 34.69 -7.69 10.07
C ASP A 189 33.66 -6.90 10.89
N PHE A 190 32.35 -7.16 10.66
CA PHE A 190 31.26 -6.53 11.39
C PHE A 190 31.35 -6.94 12.86
N PHE A 191 31.59 -8.23 13.11
CA PHE A 191 31.75 -8.79 14.44
C PHE A 191 33.00 -8.22 15.14
N LYS A 192 34.07 -7.93 14.36
CA LYS A 192 35.32 -7.35 14.88
C LYS A 192 35.01 -5.99 15.48
N MET A 193 34.20 -5.17 14.78
CA MET A 193 33.76 -3.84 15.19
C MET A 193 32.84 -3.93 16.43
N VAL A 194 31.82 -4.81 16.38
CA VAL A 194 30.85 -5.00 17.47
C VAL A 194 31.58 -5.43 18.74
N ILE A 195 32.49 -6.41 18.64
CA ILE A 195 33.27 -6.89 19.79
C ILE A 195 34.15 -5.78 20.35
N LEU A 196 34.84 -5.02 19.46
CA LEU A 196 35.69 -3.90 19.87
C LEU A 196 34.93 -2.78 20.54
N TRP A 197 33.68 -2.53 20.10
CA TRP A 197 32.77 -1.54 20.69
C TRP A 197 32.46 -1.98 22.12
N ARG A 198 32.01 -3.25 22.31
CA ARG A 198 31.69 -3.83 23.61
C ARG A 198 32.91 -3.76 24.54
N LYS A 199 34.07 -4.22 24.04
CA LYS A 199 35.33 -4.21 24.79
C LYS A 199 35.66 -2.78 25.22
N HIS A 200 35.37 -1.76 24.38
CA HIS A 200 35.61 -0.37 24.74
C HIS A 200 34.69 0.09 25.86
N VAL A 201 33.36 0.07 25.62
CA VAL A 201 32.32 0.54 26.56
C VAL A 201 32.35 -0.19 27.92
N LEU A 202 33.00 -1.37 28.00
CA LEU A 202 33.10 -2.12 29.25
C LEU A 202 34.46 -1.92 29.97
N SER A 203 35.44 -1.31 29.28
CA SER A 203 36.78 -1.03 29.81
C SER A 203 36.99 0.46 30.09
N CYS A 204 36.69 1.31 29.09
CA CYS A 204 36.85 2.76 29.10
C CYS A 204 36.28 3.44 30.35
N ARG A 205 37.19 4.12 31.09
CA ARG A 205 36.94 4.90 32.30
C ARG A 205 35.75 5.86 32.15
N ILE A 206 35.66 6.57 31.00
CA ILE A 206 34.59 7.53 30.69
C ILE A 206 33.24 6.83 30.54
N CYS A 207 33.19 5.83 29.64
CA CYS A 207 31.98 5.08 29.28
C CYS A 207 31.44 4.20 30.42
N THR A 208 32.32 3.49 31.15
CA THR A 208 31.92 2.63 32.29
C THR A 208 31.27 3.47 33.39
N THR A 209 31.80 4.69 33.62
CA THR A 209 31.29 5.69 34.58
C THR A 209 29.85 6.05 34.22
N TYR A 210 29.51 6.13 32.92
CA TYR A 210 28.13 6.42 32.50
C TYR A 210 27.21 5.22 32.79
N GLY A 211 27.67 4.00 32.51
CA GLY A 211 26.90 2.79 32.76
C GLY A 211 26.86 1.81 31.62
N THR A 212 25.78 1.01 31.53
CA THR A 212 25.58 0.00 30.48
C THR A 212 24.48 0.43 29.50
N ASP A 213 23.85 1.60 29.75
CA ASP A 213 22.81 2.17 28.90
C ASP A 213 23.50 2.98 27.78
N LEU A 214 24.29 2.25 26.96
CA LEU A 214 25.05 2.75 25.83
C LEU A 214 24.59 2.00 24.58
N TYR A 215 24.50 2.70 23.45
CA TYR A 215 23.95 2.16 22.21
C TYR A 215 24.86 2.25 21.00
N LEU A 216 24.64 1.31 20.08
CA LEU A 216 25.30 1.20 18.78
C LEU A 216 24.23 0.94 17.72
N PHE A 217 24.04 1.93 16.85
CA PHE A 217 23.10 1.87 15.75
C PHE A 217 23.92 1.67 14.47
N ALA A 218 24.04 0.39 14.05
CA ALA A 218 24.87 -0.03 12.93
C ALA A 218 24.12 -0.62 11.74
N LYS A 219 24.62 -0.34 10.51
CA LYS A 219 24.12 -0.90 9.26
C LYS A 219 24.50 -2.38 9.24
N TYR A 220 23.60 -3.26 8.78
CA TYR A 220 23.86 -4.69 8.74
C TYR A 220 23.18 -5.33 7.53
N HIS A 221 23.80 -6.37 6.96
CA HIS A 221 23.19 -7.09 5.84
C HIS A 221 22.76 -8.46 6.32
N ALA A 222 21.45 -8.64 6.50
CA ALA A 222 20.84 -9.88 6.98
C ALA A 222 20.84 -10.93 5.89
N LYS A 223 21.87 -11.78 5.89
CA LYS A 223 22.05 -12.83 4.90
C LYS A 223 21.54 -14.19 5.39
N ASP A 224 21.83 -14.51 6.66
CA ASP A 224 21.47 -15.77 7.29
C ASP A 224 20.24 -15.68 8.21
N CYS A 225 20.08 -16.71 9.06
CA CYS A 225 19.04 -16.85 10.08
C CYS A 225 19.69 -17.52 11.30
N ASN A 226 19.17 -17.23 12.51
CA ASN A 226 19.66 -17.76 13.80
C ASN A 226 21.19 -17.56 13.99
N VAL A 227 21.66 -16.30 13.81
CA VAL A 227 23.07 -15.93 13.97
C VAL A 227 23.18 -15.12 15.25
N LYS A 228 23.76 -15.72 16.29
CA LYS A 228 23.91 -15.08 17.59
C LYS A 228 24.89 -13.92 17.54
N LEU A 229 24.52 -12.83 18.24
CA LEU A 229 25.36 -11.63 18.37
C LEU A 229 26.50 -11.97 19.34
N PRO A 230 27.60 -11.19 19.43
CA PRO A 230 28.65 -11.52 20.42
C PRO A 230 28.11 -11.55 21.86
N PHE A 231 28.86 -12.18 22.78
CA PHE A 231 28.48 -12.24 24.19
C PHE A 231 28.21 -10.84 24.75
N PHE A 232 27.10 -10.71 25.49
CA PHE A 232 26.64 -9.49 26.17
C PHE A 232 26.31 -8.33 25.21
N VAL A 233 25.92 -8.65 23.96
CA VAL A 233 25.47 -7.68 22.95
C VAL A 233 24.05 -8.09 22.57
N ARG A 234 23.08 -7.20 22.84
CA ARG A 234 21.66 -7.43 22.62
C ARG A 234 21.05 -6.42 21.64
N SER A 235 20.30 -6.93 20.63
CA SER A 235 19.57 -6.12 19.65
C SER A 235 18.26 -5.67 20.29
N VAL A 236 18.00 -4.36 20.29
CA VAL A 236 16.80 -3.73 20.84
C VAL A 236 15.70 -3.68 19.75
N ALA A 237 16.09 -3.26 18.52
CA ALA A 237 15.19 -3.16 17.38
C ALA A 237 15.95 -3.21 16.08
N THR A 238 15.24 -3.59 15.00
CA THR A 238 15.72 -3.66 13.62
C THR A 238 14.90 -2.68 12.79
N PHE A 239 15.58 -1.87 11.99
CA PHE A 239 14.97 -0.86 11.13
C PHE A 239 15.19 -1.19 9.66
N ILE A 240 14.10 -1.32 8.90
CA ILE A 240 14.12 -1.60 7.46
C ILE A 240 13.73 -0.28 6.80
N MET A 241 14.66 0.30 6.02
CA MET A 241 14.49 1.60 5.38
C MET A 241 14.05 1.48 3.95
N GLN A 242 13.08 2.31 3.55
CA GLN A 242 12.56 2.42 2.17
C GLN A 242 13.69 2.77 1.19
N GLY A 243 14.65 3.57 1.65
CA GLY A 243 15.77 4.05 0.87
C GLY A 243 16.91 3.09 0.66
N SER A 244 16.81 1.85 1.17
CA SER A 244 17.85 0.83 0.97
C SER A 244 17.62 0.17 -0.38
N LYS A 245 18.72 -0.19 -1.09
CA LYS A 245 18.70 -0.90 -2.37
C LYS A 245 17.70 -2.06 -2.24
N LEU A 246 16.78 -2.16 -3.19
CA LEU A 246 15.72 -3.17 -3.20
C LEU A 246 16.23 -4.59 -3.22
N SER A 247 17.28 -4.84 -4.03
CA SER A 247 17.82 -6.19 -4.21
C SER A 247 18.43 -6.82 -2.95
N GLY A 248 19.20 -6.07 -2.17
CA GLY A 248 19.89 -6.62 -1.01
C GLY A 248 19.04 -7.02 0.19
N SER A 249 19.65 -7.02 1.38
CA SER A 249 18.95 -7.29 2.64
C SER A 249 19.56 -6.44 3.78
N GLU A 250 19.81 -5.17 3.45
CA GLU A 250 20.35 -4.13 4.32
C GLU A 250 19.28 -3.71 5.32
N CYS A 251 19.71 -3.43 6.54
CA CYS A 251 18.89 -2.94 7.64
C CYS A 251 19.79 -2.22 8.64
N TYR A 252 19.18 -1.51 9.59
CA TYR A 252 19.91 -0.80 10.64
C TYR A 252 19.49 -1.40 11.96
N ILE A 253 20.47 -1.91 12.70
CA ILE A 253 20.22 -2.58 13.97
C ILE A 253 20.68 -1.71 15.15
N LEU A 254 19.80 -1.59 16.16
CA LEU A 254 20.05 -0.83 17.38
C LEU A 254 20.47 -1.83 18.45
N LEU A 255 21.75 -1.83 18.81
CA LEU A 255 22.35 -2.75 19.77
C LEU A 255 22.70 -2.06 21.08
N THR A 256 22.65 -2.81 22.18
CA THR A 256 23.03 -2.35 23.52
C THR A 256 23.70 -3.51 24.26
N LEU A 257 24.13 -3.25 25.50
CA LEU A 257 24.72 -4.27 26.34
C LEU A 257 23.60 -4.98 27.08
N GLY A 258 23.73 -6.29 27.21
CA GLY A 258 22.76 -7.15 27.87
C GLY A 258 22.79 -8.54 27.28
N HIS A 259 22.13 -9.52 27.92
CA HIS A 259 22.11 -10.93 27.46
C HIS A 259 21.85 -11.01 25.96
N HIS A 260 22.79 -11.62 25.24
CA HIS A 260 22.80 -11.70 23.78
C HIS A 260 21.58 -12.38 23.18
N ASN A 261 21.26 -11.98 21.94
CA ASN A 261 20.18 -12.52 21.13
C ASN A 261 20.67 -12.63 19.67
N ASN A 262 19.78 -13.02 18.76
CA ASN A 262 20.11 -13.22 17.35
C ASN A 262 20.05 -11.95 16.54
N LEU A 263 20.85 -11.91 15.46
CA LEU A 263 20.85 -10.85 14.47
C LEU A 263 19.56 -11.04 13.61
N PRO A 264 19.07 -10.00 12.90
CA PRO A 264 17.85 -10.18 12.08
C PRO A 264 18.03 -11.20 10.98
N CYS A 265 16.99 -12.02 10.79
CA CYS A 265 17.03 -13.04 9.76
C CYS A 265 16.62 -12.49 8.40
N HIS A 266 17.28 -12.96 7.34
CA HIS A 266 17.04 -12.56 5.96
C HIS A 266 15.54 -12.55 5.57
N GLY A 267 14.81 -13.59 5.98
CA GLY A 267 13.38 -13.75 5.73
C GLY A 267 12.51 -12.63 6.28
N GLU A 268 12.75 -12.20 7.53
CA GLU A 268 12.02 -11.11 8.20
C GLU A 268 12.20 -9.79 7.46
N ILE A 269 13.45 -9.47 7.10
CA ILE A 269 13.85 -8.26 6.40
C ILE A 269 13.18 -8.17 5.03
N GLN A 270 13.07 -9.32 4.33
CA GLN A 270 12.47 -9.39 3.00
C GLN A 270 11.00 -9.01 2.98
N ASN A 271 10.18 -9.60 3.89
CA ASN A 271 8.75 -9.30 3.98
C ASN A 271 8.51 -7.83 4.28
N SER A 272 9.32 -7.29 5.21
CA SER A 272 9.29 -5.89 5.63
C SER A 272 9.68 -4.96 4.49
N LYS A 273 10.77 -5.29 3.76
CA LYS A 273 11.29 -4.55 2.62
C LYS A 273 10.24 -4.56 1.49
N MET A 274 9.59 -5.73 1.27
CA MET A 274 8.57 -5.91 0.24
C MET A 274 7.33 -5.09 0.49
N LYS A 275 6.77 -5.13 1.72
CA LYS A 275 5.60 -4.34 2.08
C LYS A 275 5.83 -2.85 1.81
N ILE A 276 7.00 -2.32 2.20
CA ILE A 276 7.39 -0.93 1.95
C ILE A 276 7.45 -0.62 0.44
N ALA A 277 7.98 -1.56 -0.39
CA ALA A 277 8.10 -1.36 -1.83
C ALA A 277 6.76 -1.41 -2.56
N VAL A 278 5.89 -2.35 -2.16
CA VAL A 278 4.56 -2.57 -2.72
C VAL A 278 3.54 -1.50 -2.28
N CYS A 279 3.57 -1.09 -0.99
CA CYS A 279 2.59 -0.19 -0.38
C CYS A 279 2.91 1.28 -0.45
N ASN A 280 4.16 1.62 -0.15
CA ASN A 280 4.61 2.98 0.01
C ASN A 280 5.21 3.63 -1.22
N ASP A 281 5.14 4.96 -1.22
CA ASP A 281 5.66 5.89 -2.21
C ASP A 281 6.80 6.68 -1.55
N PHE A 282 7.78 7.09 -2.36
CA PHE A 282 8.89 7.93 -1.93
C PHE A 282 8.40 9.35 -1.81
N TYR A 283 8.63 9.96 -0.64
CA TYR A 283 8.26 11.36 -0.41
C TYR A 283 9.38 12.19 -1.03
N ALA A 284 9.00 13.28 -1.69
CA ALA A 284 9.96 14.21 -2.24
C ALA A 284 10.30 15.25 -1.14
N ALA A 285 11.43 15.95 -1.30
CA ALA A 285 11.81 16.99 -0.35
C ALA A 285 10.90 18.20 -0.57
N LYS A 286 10.46 18.86 0.54
CA LYS A 286 9.55 20.02 0.52
C LYS A 286 10.11 21.18 -0.29
N LYS A 287 11.44 21.39 -0.25
CA LYS A 287 12.14 22.45 -0.97
C LYS A 287 13.17 21.85 -1.93
N LEU A 288 13.38 22.50 -3.10
CA LEU A 288 14.36 22.08 -4.10
C LEU A 288 15.61 22.94 -3.97
N ASP A 289 16.76 22.30 -3.70
CA ASP A 289 18.05 22.98 -3.61
C ASP A 289 18.58 23.04 -5.03
N ASN A 290 18.23 24.14 -5.72
CA ASN A 290 18.60 24.40 -7.12
C ASN A 290 20.10 24.35 -7.39
N LYS A 291 20.92 24.81 -6.42
CA LYS A 291 22.37 24.78 -6.53
C LYS A 291 22.90 23.33 -6.67
N SER A 292 22.34 22.39 -5.89
CA SER A 292 22.71 20.96 -5.90
C SER A 292 22.16 20.20 -7.10
N ILE A 293 20.95 20.56 -7.55
CA ILE A 293 20.31 19.97 -8.73
C ILE A 293 21.18 20.32 -9.94
N GLU A 294 21.60 21.62 -10.06
CA GLU A 294 22.49 22.10 -11.12
C GLU A 294 23.84 21.37 -11.04
N ALA A 295 24.33 21.13 -9.80
CA ALA A 295 25.59 20.42 -9.53
C ALA A 295 25.53 18.97 -9.99
N ASN A 296 24.43 18.24 -9.67
CA ASN A 296 24.20 16.85 -10.05
C ASN A 296 23.99 16.70 -11.56
N CYS A 297 23.41 17.73 -12.21
CA CYS A 297 23.18 17.76 -13.66
C CYS A 297 24.51 17.84 -14.39
N LYS A 298 25.38 18.80 -13.99
CA LYS A 298 26.71 19.03 -14.55
C LYS A 298 27.65 17.84 -14.27
N SER A 299 27.38 17.10 -13.19
CA SER A 299 28.13 15.91 -12.81
C SER A 299 27.75 14.75 -13.73
N LEU A 300 26.45 14.65 -14.09
CA LEU A 300 25.91 13.62 -14.97
C LEU A 300 26.33 13.90 -16.41
N LEU A 301 26.10 15.13 -16.88
CA LEU A 301 26.43 15.57 -18.23
C LEU A 301 26.92 17.01 -18.17
N SER A 302 28.19 17.24 -18.53
CA SER A 302 28.80 18.58 -18.53
C SER A 302 28.00 19.51 -19.45
N GLY A 303 27.52 20.61 -18.87
CA GLY A 303 26.74 21.61 -19.59
C GLY A 303 25.24 21.47 -19.49
N LEU A 304 24.74 20.42 -18.81
CA LEU A 304 23.30 20.20 -18.63
C LEU A 304 22.73 21.24 -17.66
N ARG A 305 21.70 21.99 -18.13
CA ARG A 305 21.05 23.06 -17.38
C ARG A 305 19.62 22.68 -16.96
N ILE A 306 19.06 23.47 -16.03
CA ILE A 306 17.69 23.32 -15.53
C ILE A 306 16.87 24.58 -15.89
N PRO A 307 15.59 24.48 -16.30
CA PRO A 307 14.75 23.25 -16.41
C PRO A 307 15.14 22.31 -17.53
N ILE A 308 15.05 20.99 -17.28
CA ILE A 308 15.35 19.99 -18.30
C ILE A 308 14.09 19.82 -19.15
N ASN A 309 14.03 20.55 -20.27
CA ASN A 309 12.91 20.53 -21.20
C ASN A 309 13.34 20.01 -22.58
N LYS A 310 12.38 19.90 -23.54
CA LYS A 310 12.64 19.44 -24.91
C LYS A 310 13.74 20.30 -25.57
N LYS A 311 13.66 21.65 -25.43
CA LYS A 311 14.64 22.61 -25.94
C LYS A 311 16.05 22.36 -25.38
N GLU A 312 16.15 22.05 -24.06
CA GLU A 312 17.40 21.76 -23.36
C GLU A 312 18.05 20.47 -23.87
N LEU A 313 17.25 19.42 -24.08
CA LEU A 313 17.74 18.12 -24.57
C LEU A 313 18.16 18.18 -26.04
N ASN A 314 17.44 18.96 -26.87
CA ASN A 314 17.77 19.14 -28.29
C ASN A 314 19.06 19.95 -28.46
N ARG A 315 19.37 20.82 -27.46
CA ARG A 315 20.59 21.63 -27.43
C ARG A 315 21.78 20.72 -27.11
N GLN A 316 21.60 19.77 -26.17
CA GLN A 316 22.63 18.79 -25.78
C GLN A 316 22.97 17.84 -26.93
N ARG A 317 21.96 17.48 -27.74
CA ARG A 317 22.09 16.61 -28.91
C ARG A 317 22.89 17.34 -29.98
N ARG A 318 22.61 18.65 -30.16
CA ARG A 318 23.26 19.57 -31.11
C ARG A 318 24.75 19.77 -30.80
N LEU A 319 25.11 19.85 -29.50
CA LEU A 319 26.50 20.05 -29.02
C LEU A 319 27.40 18.85 -29.35
N LEU A 320 26.82 17.64 -29.44
CA LEU A 320 27.54 16.40 -29.75
C LEU A 320 28.06 16.34 -31.18
N THR A 321 27.33 16.96 -32.13
CA THR A 321 27.71 16.98 -33.55
C THR A 321 28.87 17.95 -33.82
N LYS A 341 33.06 8.49 -30.69
CA LYS A 341 33.83 8.42 -29.46
C LYS A 341 33.04 7.76 -28.32
N TRP A 342 33.76 7.29 -27.28
CA TRP A 342 33.22 6.63 -26.11
C TRP A 342 32.41 7.61 -25.23
N LEU A 343 32.91 8.86 -25.10
CA LEU A 343 32.27 9.92 -24.31
C LEU A 343 30.98 10.41 -24.97
N THR A 344 30.96 10.50 -26.32
CA THR A 344 29.77 10.93 -27.08
C THR A 344 28.69 9.84 -27.03
N ASN A 345 29.12 8.56 -26.90
CA ASN A 345 28.25 7.39 -26.79
C ASN A 345 27.49 7.42 -25.47
N LYS A 346 28.21 7.69 -24.34
CA LYS A 346 27.63 7.80 -23.00
C LYS A 346 26.65 8.98 -22.91
N ALA A 347 26.97 10.10 -23.58
CA ALA A 347 26.16 11.31 -23.63
C ALA A 347 24.83 11.06 -24.32
N ASN A 348 24.83 10.30 -25.44
CA ASN A 348 23.62 9.94 -26.19
C ASN A 348 22.72 9.03 -25.33
N THR A 349 23.34 8.06 -24.61
CA THR A 349 22.66 7.12 -23.71
C THR A 349 21.88 7.91 -22.65
N ILE A 350 22.53 8.94 -22.04
CA ILE A 350 21.97 9.83 -21.02
C ILE A 350 20.79 10.64 -21.58
N ILE A 351 20.98 11.35 -22.72
CA ILE A 351 19.95 12.16 -23.36
C ILE A 351 18.73 11.31 -23.72
N ASP A 352 18.97 10.11 -24.27
CA ASP A 352 17.92 9.15 -24.67
C ASP A 352 17.02 8.79 -23.49
N TRP A 353 17.62 8.58 -22.31
CA TRP A 353 16.89 8.26 -21.08
C TRP A 353 16.11 9.49 -20.58
N LEU A 354 16.76 10.66 -20.51
CA LEU A 354 16.13 11.90 -20.06
C LEU A 354 14.97 12.28 -20.96
N GLU A 355 15.11 12.03 -22.28
CA GLU A 355 14.08 12.24 -23.31
C GLU A 355 12.91 11.29 -23.07
N HIS A 356 13.21 10.04 -22.63
CA HIS A 356 12.19 9.04 -22.32
C HIS A 356 11.39 9.47 -21.08
N ILE A 357 12.09 10.00 -20.05
CA ILE A 357 11.46 10.50 -18.80
C ILE A 357 10.60 11.73 -19.11
N LEU A 358 11.11 12.62 -19.97
CA LEU A 358 10.45 13.84 -20.45
C LEU A 358 9.10 13.50 -21.11
N ASN A 359 9.11 12.52 -22.02
CA ASN A 359 7.93 12.06 -22.77
C ASN A 359 7.02 11.15 -21.95
N SER A 360 7.55 10.54 -20.87
CA SER A 360 6.81 9.65 -19.98
C SER A 360 5.72 10.41 -19.21
N PRO A 361 4.57 9.77 -18.87
CA PRO A 361 3.54 10.50 -18.10
C PRO A 361 3.94 10.65 -16.63
N LYS A 362 3.26 11.57 -15.91
CA LYS A 362 3.55 11.74 -14.48
C LYS A 362 2.89 10.60 -13.71
N GLY A 363 3.64 10.05 -12.78
CA GLY A 363 3.18 8.98 -11.91
C GLY A 363 3.59 9.26 -10.48
N GLU A 364 3.21 8.36 -9.58
CA GLU A 364 3.59 8.48 -8.17
C GLU A 364 4.97 7.85 -8.01
N LEU A 365 5.78 8.36 -7.06
CA LEU A 365 7.13 7.80 -6.85
C LEU A 365 7.09 6.46 -6.11
N ASN A 366 6.92 5.36 -6.86
CA ASN A 366 6.91 4.02 -6.30
C ASN A 366 7.48 3.03 -7.31
N TYR A 367 7.88 1.84 -6.83
CA TYR A 367 8.49 0.82 -7.67
C TYR A 367 7.55 0.28 -8.77
N ASP A 368 6.21 0.43 -8.63
CA ASP A 368 5.30 -0.02 -9.71
C ASP A 368 5.45 0.89 -10.93
N PHE A 369 5.61 2.20 -10.68
CA PHE A 369 5.83 3.21 -11.70
C PHE A 369 7.25 3.13 -12.27
N PHE A 370 8.24 2.83 -11.40
CA PHE A 370 9.65 2.71 -11.82
C PHE A 370 9.84 1.55 -12.78
N GLU A 371 9.16 0.43 -12.51
CA GLU A 371 9.16 -0.78 -13.34
C GLU A 371 8.55 -0.45 -14.71
N ALA A 372 7.47 0.39 -14.73
CA ALA A 372 6.85 0.84 -15.98
C ALA A 372 7.87 1.64 -16.78
N LEU A 373 8.50 2.65 -16.15
CA LEU A 373 9.53 3.50 -16.74
C LEU A 373 10.65 2.70 -17.42
N GLU A 374 11.09 1.60 -16.78
CA GLU A 374 12.14 0.75 -17.31
C GLU A 374 11.68 -0.14 -18.45
N ASN A 375 10.54 -0.82 -18.26
CA ASN A 375 10.03 -1.77 -19.24
C ASN A 375 9.29 -1.11 -20.43
N THR A 376 9.33 0.23 -20.53
CA THR A 376 8.78 1.05 -21.63
C THR A 376 9.94 1.64 -22.45
N TYR A 377 11.18 1.50 -21.93
CA TYR A 377 12.38 1.98 -22.60
C TYR A 377 13.03 0.82 -23.37
N PRO A 378 13.17 0.93 -24.71
CA PRO A 378 13.73 -0.20 -25.48
C PRO A 378 15.22 -0.51 -25.28
N ASN A 379 16.03 0.49 -24.89
CA ASN A 379 17.48 0.35 -24.72
C ASN A 379 17.93 0.26 -23.25
N MET A 380 17.21 -0.53 -22.42
CA MET A 380 17.55 -0.69 -20.99
C MET A 380 18.90 -1.37 -20.78
N ILE A 381 19.14 -2.44 -21.53
CA ILE A 381 20.36 -3.23 -21.42
C ILE A 381 21.56 -2.45 -21.96
N LYS A 382 21.35 -1.60 -22.99
CA LYS A 382 22.38 -0.74 -23.57
C LYS A 382 22.82 0.30 -22.55
N LEU A 383 21.85 0.83 -21.78
CA LEU A 383 22.04 1.83 -20.72
C LEU A 383 22.94 1.29 -19.60
N ILE A 384 22.53 0.17 -18.98
CA ILE A 384 23.24 -0.45 -17.85
C ILE A 384 24.63 -0.92 -18.26
N ASP A 385 24.82 -1.25 -19.54
CA ASP A 385 26.10 -1.67 -20.10
C ASP A 385 27.06 -0.49 -20.35
N ASN A 386 26.54 0.64 -20.88
CA ASN A 386 27.36 1.79 -21.19
C ASN A 386 27.72 2.66 -19.98
N LEU A 387 26.81 2.80 -19.00
CA LEU A 387 27.06 3.63 -17.82
C LEU A 387 27.46 2.84 -16.57
N GLY A 388 28.42 3.37 -15.83
CA GLY A 388 28.91 2.78 -14.58
C GLY A 388 27.96 3.03 -13.42
N ASN A 389 28.21 2.37 -12.27
CA ASN A 389 27.38 2.47 -11.06
C ASN A 389 27.16 3.89 -10.57
N ALA A 390 28.22 4.71 -10.51
CA ALA A 390 28.13 6.11 -10.07
C ALA A 390 27.33 6.97 -11.04
N GLU A 391 27.51 6.76 -12.36
CA GLU A 391 26.82 7.46 -13.44
C GLU A 391 25.31 7.18 -13.40
N ILE A 392 24.93 5.93 -13.08
CA ILE A 392 23.54 5.49 -12.99
C ILE A 392 22.85 6.06 -11.73
N LYS A 393 23.59 6.22 -10.62
CA LYS A 393 23.05 6.81 -9.38
C LYS A 393 22.78 8.29 -9.64
N LYS A 394 23.70 8.96 -10.38
CA LYS A 394 23.57 10.36 -10.80
C LYS A 394 22.36 10.51 -11.74
N LEU A 395 22.17 9.54 -12.64
CA LEU A 395 21.06 9.52 -13.58
C LEU A 395 19.72 9.42 -12.85
N ILE A 396 19.65 8.60 -11.77
CA ILE A 396 18.41 8.44 -10.99
C ILE A 396 18.12 9.72 -10.17
N LYS A 397 19.17 10.39 -9.65
CA LYS A 397 18.99 11.65 -8.93
C LYS A 397 18.33 12.67 -9.87
N VAL A 398 18.88 12.82 -11.11
CA VAL A 398 18.37 13.74 -12.15
C VAL A 398 16.95 13.35 -12.57
N THR A 399 16.70 12.03 -12.79
CA THR A 399 15.38 11.46 -13.15
C THR A 399 14.31 11.85 -12.12
N GLY A 400 14.63 11.67 -10.83
CA GLY A 400 13.77 12.00 -9.72
C GLY A 400 13.38 13.46 -9.68
N TYR A 401 14.36 14.34 -9.96
CA TYR A 401 14.14 15.79 -10.02
C TYR A 401 13.08 16.11 -11.08
N MET A 402 13.24 15.51 -12.27
CA MET A 402 12.35 15.65 -13.42
C MET A 402 10.93 15.17 -13.11
N LEU A 403 10.81 13.96 -12.51
CA LEU A 403 9.52 13.35 -12.17
C LEU A 403 8.72 14.18 -11.17
N VAL A 404 9.42 14.82 -10.21
CA VAL A 404 8.87 15.68 -9.17
C VAL A 404 8.44 17.01 -9.83
N SER A 405 9.25 17.53 -10.77
CA SER A 405 9.02 18.77 -11.53
C SER A 405 7.80 18.72 -12.47
N LYS A 406 7.33 17.51 -12.83
CA LYS A 406 6.19 17.30 -13.71
C LYS A 406 4.85 17.88 -13.20
N LYS A 407 3.93 18.20 -14.15
CA LYS A 407 2.58 18.76 -13.93
C LYS A 407 2.61 20.08 -13.15
N VAL B 17 -40.24 10.79 9.27
CA VAL B 17 -39.27 11.67 8.61
C VAL B 17 -37.91 10.96 8.53
N ILE B 18 -37.32 10.90 7.31
CA ILE B 18 -36.03 10.23 7.07
C ILE B 18 -35.20 10.92 5.95
N ASP B 19 -34.00 11.41 6.31
CA ASP B 19 -33.08 12.09 5.40
C ASP B 19 -32.09 11.07 4.86
N PRO B 20 -31.98 10.92 3.51
CA PRO B 20 -31.09 9.89 2.96
C PRO B 20 -29.61 10.09 3.29
N THR B 21 -29.11 11.34 3.23
CA THR B 21 -27.71 11.69 3.50
C THR B 21 -27.26 11.34 4.95
N GLU B 22 -28.20 11.34 5.91
CA GLU B 22 -27.95 10.98 7.32
C GLU B 22 -27.68 9.47 7.43
N GLN B 23 -28.42 8.66 6.65
CA GLN B 23 -28.33 7.19 6.59
C GLN B 23 -27.01 6.71 5.99
N LEU B 24 -26.36 7.55 5.18
CA LEU B 24 -25.08 7.26 4.49
C LEU B 24 -23.92 6.97 5.47
N ALA B 25 -23.98 7.49 6.70
CA ALA B 25 -22.99 7.28 7.76
C ALA B 25 -22.99 5.83 8.29
N TYR B 26 -24.00 5.01 7.91
CA TYR B 26 -24.10 3.61 8.31
C TYR B 26 -23.36 2.71 7.29
N PHE B 27 -23.02 3.28 6.12
CA PHE B 27 -22.29 2.60 5.06
C PHE B 27 -20.79 2.85 5.26
N PRO B 28 -19.93 1.82 5.07
CA PRO B 28 -18.50 2.05 5.26
C PRO B 28 -17.83 2.70 4.05
N LYS B 29 -16.64 3.29 4.25
CA LYS B 29 -15.86 3.89 3.16
C LYS B 29 -15.35 2.74 2.30
N ILE B 30 -15.39 2.91 0.96
CA ILE B 30 -14.97 1.92 -0.02
C ILE B 30 -13.55 2.17 -0.53
N THR B 31 -12.75 1.08 -0.62
CA THR B 31 -11.37 1.05 -1.13
C THR B 31 -11.40 0.19 -2.40
N PHE B 32 -10.79 0.69 -3.48
CA PHE B 32 -10.81 0.02 -4.77
C PHE B 32 -9.66 0.44 -5.66
N GLU B 33 -9.50 -0.23 -6.81
CA GLU B 33 -8.51 0.14 -7.82
C GLU B 33 -9.20 0.21 -9.18
N ARG B 34 -8.96 1.28 -9.93
CA ARG B 34 -9.48 1.49 -11.27
C ARG B 34 -8.35 1.20 -12.26
N LEU B 35 -8.64 0.39 -13.28
CA LEU B 35 -7.69 0.05 -14.34
C LEU B 35 -8.28 0.54 -15.66
N LYS B 36 -7.81 1.71 -16.12
CA LYS B 36 -8.28 2.33 -17.35
C LYS B 36 -7.78 1.58 -18.60
N ASN B 37 -8.68 1.41 -19.57
CA ASN B 37 -8.42 0.72 -20.82
C ASN B 37 -7.75 1.64 -21.84
N TYR B 38 -6.48 1.35 -22.12
CA TYR B 38 -5.69 2.11 -23.06
C TYR B 38 -5.61 1.36 -24.38
N ASP B 39 -6.22 1.97 -25.43
CA ASP B 39 -6.31 1.47 -26.80
C ASP B 39 -4.97 1.01 -27.36
N THR B 40 -3.90 1.77 -27.08
CA THR B 40 -2.53 1.50 -27.49
C THR B 40 -1.95 0.31 -26.69
N SER B 41 -1.08 -0.48 -27.35
CA SER B 41 -0.43 -1.66 -26.76
C SER B 41 0.68 -1.24 -25.77
N SER B 42 0.27 -0.57 -24.67
CA SER B 42 1.16 -0.08 -23.61
C SER B 42 1.39 -1.17 -22.53
N ASN B 43 1.40 -2.44 -22.95
CA ASN B 43 1.63 -3.59 -22.10
C ASN B 43 3.14 -3.88 -22.10
N TYR B 44 3.76 -3.75 -20.92
CA TYR B 44 5.19 -3.97 -20.68
C TYR B 44 5.38 -5.22 -19.82
N ALA B 45 6.62 -5.73 -19.73
CA ALA B 45 6.92 -6.92 -18.91
C ALA B 45 6.90 -6.53 -17.42
N LYS B 46 5.98 -7.13 -16.63
CA LYS B 46 5.85 -6.84 -15.20
C LYS B 46 5.79 -8.10 -14.33
N GLY B 47 6.15 -7.95 -13.06
CA GLY B 47 6.15 -9.02 -12.09
C GLY B 47 4.82 -9.24 -11.39
N LYS B 48 4.74 -10.38 -10.70
CA LYS B 48 3.57 -10.86 -9.98
C LYS B 48 3.68 -10.56 -8.47
N LEU B 49 2.56 -10.15 -7.85
CA LEU B 49 2.49 -9.90 -6.41
C LEU B 49 1.71 -11.03 -5.78
N THR B 50 2.40 -11.76 -4.88
CA THR B 50 1.84 -12.90 -4.17
C THR B 50 2.05 -12.84 -2.67
N ARG B 51 1.00 -13.21 -1.95
CA ARG B 51 0.90 -13.36 -0.51
C ARG B 51 -0.17 -14.42 -0.28
N ASN B 52 0.19 -15.50 0.40
CA ASN B 52 -0.75 -16.59 0.65
C ASN B 52 -1.40 -16.47 2.02
N TYR B 53 -2.54 -15.78 2.07
CA TYR B 53 -3.30 -15.63 3.31
C TYR B 53 -4.05 -16.93 3.61
N MET B 54 -3.71 -17.59 4.74
CA MET B 54 -4.40 -18.82 5.15
C MET B 54 -5.72 -18.45 5.87
N ILE B 55 -6.72 -18.01 5.07
CA ILE B 55 -8.04 -17.64 5.56
C ILE B 55 -9.15 -18.47 4.87
N LEU B 56 -10.10 -18.98 5.68
CA LEU B 56 -11.22 -19.81 5.25
C LEU B 56 -12.59 -19.10 5.39
N LEU B 57 -12.64 -17.92 6.02
CA LEU B 57 -13.87 -17.17 6.29
C LEU B 57 -14.12 -15.97 5.36
N PRO B 58 -15.41 -15.58 5.09
CA PRO B 58 -15.68 -14.41 4.23
C PRO B 58 -15.50 -13.08 4.98
N TRP B 59 -14.24 -12.71 5.23
CA TRP B 59 -13.86 -11.52 5.95
C TRP B 59 -14.31 -10.21 5.31
N GLN B 60 -14.75 -10.20 4.05
CA GLN B 60 -15.24 -9.00 3.36
C GLN B 60 -16.55 -8.44 3.97
N HIS B 61 -17.19 -9.23 4.84
CA HIS B 61 -18.42 -8.89 5.55
C HIS B 61 -18.14 -8.26 6.91
N VAL B 62 -16.85 -8.09 7.27
CA VAL B 62 -16.37 -7.56 8.55
C VAL B 62 -16.96 -6.16 8.84
N ASN B 63 -17.08 -5.29 7.83
CA ASN B 63 -17.60 -3.95 8.01
C ASN B 63 -19.09 -3.80 7.63
N ARG B 64 -19.80 -4.93 7.41
CA ARG B 64 -21.20 -4.94 6.96
C ARG B 64 -22.25 -5.26 8.05
N TYR B 65 -21.92 -5.08 9.33
CA TYR B 65 -22.81 -5.36 10.47
C TYR B 65 -24.10 -4.54 10.51
N ASN B 66 -24.13 -3.36 9.85
CA ASN B 66 -25.27 -2.44 9.81
C ASN B 66 -26.39 -2.84 8.82
N PHE B 67 -26.20 -3.93 8.04
CA PHE B 67 -27.15 -4.35 7.01
C PHE B 67 -27.55 -5.82 7.16
N VAL B 68 -28.84 -6.12 6.90
CA VAL B 68 -29.43 -7.44 7.14
C VAL B 68 -29.57 -8.35 5.90
N PHE B 69 -30.43 -7.99 4.94
CA PHE B 69 -30.81 -8.82 3.78
C PHE B 69 -29.88 -8.79 2.58
N SER B 70 -29.16 -7.68 2.38
CA SER B 70 -28.24 -7.44 1.26
C SER B 70 -27.23 -6.45 1.80
N SER B 71 -25.97 -6.58 1.39
CA SER B 71 -24.94 -5.68 1.86
C SER B 71 -23.93 -5.26 0.77
N THR B 72 -24.36 -5.23 -0.51
CA THR B 72 -23.53 -4.90 -1.68
C THR B 72 -23.01 -3.47 -1.67
N GLY B 73 -23.78 -2.56 -1.07
CA GLY B 73 -23.43 -1.15 -0.96
C GLY B 73 -22.19 -0.92 -0.12
N CYS B 74 -21.78 -1.92 0.66
CA CYS B 74 -20.57 -1.85 1.49
C CYS B 74 -19.34 -2.13 0.64
N LYS B 75 -19.54 -2.76 -0.53
CA LYS B 75 -18.53 -3.19 -1.47
C LYS B 75 -18.32 -2.21 -2.63
N VAL B 76 -19.41 -1.79 -3.28
CA VAL B 76 -19.38 -0.92 -4.45
C VAL B 76 -20.32 0.31 -4.25
N SER B 77 -19.90 1.46 -4.77
CA SER B 77 -20.62 2.73 -4.68
C SER B 77 -20.42 3.54 -5.94
N LEU B 78 -21.50 4.15 -6.45
CA LEU B 78 -21.42 4.95 -7.66
C LEU B 78 -20.70 6.29 -7.48
N LYS B 79 -20.82 6.92 -6.30
CA LYS B 79 -20.15 8.20 -6.01
C LYS B 79 -18.64 8.02 -5.87
N THR B 80 -18.18 6.87 -5.33
CA THR B 80 -16.75 6.62 -5.14
C THR B 80 -16.08 6.14 -6.44
N CYS B 81 -16.72 5.19 -7.15
CA CYS B 81 -16.19 4.58 -8.37
C CYS B 81 -16.41 5.38 -9.65
N ILE B 82 -17.66 5.79 -9.93
CA ILE B 82 -18.00 6.52 -11.17
C ILE B 82 -18.61 7.91 -10.90
N GLY B 83 -18.11 8.57 -9.86
CA GLY B 83 -18.56 9.89 -9.41
C GLY B 83 -18.58 10.95 -10.49
N LYS B 84 -17.52 10.99 -11.33
CA LYS B 84 -17.39 11.95 -12.44
C LYS B 84 -18.44 11.70 -13.51
N LEU B 85 -18.64 10.43 -13.91
CA LEU B 85 -19.63 10.02 -14.91
C LEU B 85 -21.05 10.36 -14.45
N MET B 86 -21.32 10.21 -13.14
CA MET B 86 -22.60 10.54 -12.51
C MET B 86 -22.84 12.04 -12.61
N LYS B 87 -21.77 12.85 -12.44
CA LYS B 87 -21.84 14.31 -12.52
C LYS B 87 -22.00 14.76 -13.97
N ASP B 88 -21.19 14.20 -14.90
CA ASP B 88 -21.20 14.54 -16.33
C ASP B 88 -22.50 14.16 -17.04
N LEU B 89 -22.99 12.93 -16.81
CA LEU B 89 -24.23 12.47 -17.43
C LEU B 89 -25.50 13.01 -16.75
N ASN B 90 -25.44 13.19 -15.40
CA ASN B 90 -26.52 13.66 -14.53
C ASN B 90 -27.84 12.89 -14.81
N PRO B 91 -27.88 11.56 -14.59
CA PRO B 91 -29.12 10.82 -14.87
C PRO B 91 -30.22 11.10 -13.86
N LYS B 92 -31.46 11.20 -14.36
CA LYS B 92 -32.63 11.45 -13.52
C LYS B 92 -33.17 10.11 -12.98
N VAL B 93 -32.94 9.02 -13.74
CA VAL B 93 -33.38 7.66 -13.45
C VAL B 93 -32.17 6.74 -13.62
N LEU B 94 -31.97 5.80 -12.65
CA LEU B 94 -30.93 4.76 -12.70
C LEU B 94 -31.59 3.39 -12.81
N TYR B 95 -31.02 2.51 -13.65
CA TYR B 95 -31.55 1.17 -13.89
C TYR B 95 -30.72 0.12 -13.19
N PHE B 96 -31.29 -0.52 -12.16
CA PHE B 96 -30.63 -1.55 -11.35
C PHE B 96 -31.19 -2.93 -11.66
N ILE B 97 -30.37 -3.75 -12.35
CA ILE B 97 -30.73 -5.10 -12.75
C ILE B 97 -29.89 -6.13 -11.97
N GLY B 98 -30.46 -7.32 -11.83
CA GLY B 98 -29.91 -8.46 -11.09
C GLY B 98 -29.78 -8.24 -9.59
N GLU B 99 -30.31 -7.12 -9.10
CA GLU B 99 -30.22 -6.68 -7.72
C GLU B 99 -31.15 -7.45 -6.81
N GLY B 100 -30.60 -8.06 -5.78
CA GLY B 100 -31.38 -8.79 -4.78
C GLY B 100 -31.39 -8.02 -3.49
N ALA B 101 -32.60 -7.68 -2.98
CA ALA B 101 -32.87 -6.94 -1.74
C ALA B 101 -32.47 -5.44 -1.77
N GLY B 102 -31.70 -5.02 -2.79
CA GLY B 102 -31.34 -3.64 -3.08
C GLY B 102 -30.53 -2.81 -2.11
N ASN B 103 -29.37 -3.29 -1.66
CA ASN B 103 -28.53 -2.50 -0.76
C ASN B 103 -27.72 -1.46 -1.55
N TRP B 104 -27.22 -1.85 -2.74
CA TRP B 104 -26.46 -0.96 -3.63
C TRP B 104 -27.35 0.22 -4.07
N MET B 105 -28.62 -0.08 -4.43
CA MET B 105 -29.62 0.90 -4.83
C MET B 105 -29.92 1.84 -3.66
N ALA B 106 -29.97 1.29 -2.42
CA ALA B 106 -30.16 2.06 -1.19
C ALA B 106 -29.00 3.02 -0.96
N ARG B 107 -27.73 2.55 -1.07
CA ARG B 107 -26.55 3.43 -0.92
C ARG B 107 -26.60 4.61 -1.90
N THR B 108 -27.00 4.33 -3.16
CA THR B 108 -27.09 5.30 -4.26
C THR B 108 -28.15 6.36 -3.96
N ALA B 109 -29.29 5.93 -3.37
CA ALA B 109 -30.40 6.79 -2.97
C ALA B 109 -30.01 7.78 -1.86
N CYS B 110 -28.93 7.46 -1.11
CA CYS B 110 -28.36 8.28 -0.04
C CYS B 110 -27.32 9.24 -0.60
N GLU B 111 -26.56 8.79 -1.61
CA GLU B 111 -25.50 9.57 -2.28
C GLU B 111 -26.11 10.58 -3.25
N TYR B 112 -27.22 10.21 -3.88
CA TYR B 112 -27.94 11.00 -4.88
C TYR B 112 -29.41 11.09 -4.46
N PRO B 113 -29.78 12.05 -3.58
CA PRO B 113 -31.14 12.09 -3.03
C PRO B 113 -32.31 12.44 -3.98
N ASP B 114 -32.04 12.88 -5.23
CA ASP B 114 -33.11 13.23 -6.17
C ASP B 114 -33.28 12.21 -7.31
N ILE B 115 -32.43 11.19 -7.35
CA ILE B 115 -32.50 10.16 -8.39
C ILE B 115 -33.65 9.18 -8.14
N LYS B 116 -34.35 8.82 -9.22
CA LYS B 116 -35.44 7.83 -9.23
C LYS B 116 -34.85 6.51 -9.75
N PHE B 117 -35.49 5.35 -9.47
CA PHE B 117 -34.96 4.04 -9.87
C PHE B 117 -35.96 3.12 -10.56
N VAL B 118 -35.42 2.21 -11.38
CA VAL B 118 -36.14 1.12 -12.05
C VAL B 118 -35.37 -0.13 -11.65
N TYR B 119 -36.04 -1.03 -10.93
CA TYR B 119 -35.48 -2.23 -10.34
C TYR B 119 -35.94 -3.50 -11.05
N ARG B 120 -34.98 -4.42 -11.26
CA ARG B 120 -35.19 -5.74 -11.87
C ARG B 120 -34.41 -6.78 -11.10
N SER B 121 -35.07 -7.91 -10.80
CA SER B 121 -34.53 -9.03 -10.06
C SER B 121 -35.29 -10.28 -10.44
N LEU B 122 -34.56 -11.36 -10.79
CA LEU B 122 -35.13 -12.65 -11.18
C LEU B 122 -36.04 -13.27 -10.12
N LYS B 123 -37.29 -13.60 -10.54
CA LYS B 123 -38.35 -14.21 -9.71
C LYS B 123 -38.23 -15.74 -9.62
N ASP B 124 -36.98 -16.28 -9.69
CA ASP B 124 -36.68 -17.72 -9.61
C ASP B 124 -36.40 -18.17 -8.17
N ASP B 125 -35.26 -17.70 -7.58
CA ASP B 125 -34.76 -18.00 -6.23
C ASP B 125 -35.88 -17.98 -5.19
N LEU B 126 -36.60 -16.85 -5.13
CA LEU B 126 -37.79 -16.61 -4.30
C LEU B 126 -38.95 -16.57 -5.31
N ASP B 127 -40.23 -16.59 -4.84
CA ASP B 127 -41.38 -16.48 -5.75
C ASP B 127 -41.34 -15.13 -6.47
N HIS B 128 -40.80 -14.10 -5.76
CA HIS B 128 -40.58 -12.73 -6.21
C HIS B 128 -39.43 -12.13 -5.41
N HIS B 129 -38.51 -11.42 -6.08
CA HIS B 129 -37.44 -10.72 -5.37
C HIS B 129 -37.75 -9.22 -5.33
N TYR B 130 -37.84 -8.72 -4.10
CA TYR B 130 -38.26 -7.38 -3.71
C TYR B 130 -37.14 -6.60 -2.96
N PRO B 131 -37.04 -5.25 -3.09
CA PRO B 131 -35.98 -4.54 -2.37
C PRO B 131 -36.27 -4.29 -0.89
N LEU B 132 -35.94 -5.29 -0.05
CA LEU B 132 -36.12 -5.25 1.40
C LEU B 132 -35.15 -4.28 2.09
N GLU B 133 -33.86 -4.28 1.68
CA GLU B 133 -32.84 -3.39 2.24
C GLU B 133 -33.11 -1.94 1.89
N TYR B 134 -33.63 -1.68 0.68
CA TYR B 134 -33.98 -0.34 0.27
C TYR B 134 -35.10 0.19 1.18
N GLN B 135 -36.16 -0.63 1.40
CA GLN B 135 -37.30 -0.32 2.25
C GLN B 135 -36.87 -0.09 3.71
N ARG B 136 -35.83 -0.82 4.16
CA ARG B 136 -35.30 -0.73 5.52
C ARG B 136 -34.44 0.54 5.68
N VAL B 137 -33.50 0.80 4.73
CA VAL B 137 -32.60 1.97 4.75
C VAL B 137 -33.38 3.26 4.43
N ILE B 138 -33.90 3.39 3.19
CA ILE B 138 -34.71 4.53 2.74
C ILE B 138 -36.13 4.28 3.29
N GLY B 139 -36.79 5.29 3.78
CA GLY B 139 -38.12 5.11 4.37
C GLY B 139 -39.07 4.26 3.56
N GLU B 140 -39.59 4.84 2.47
CA GLU B 140 -40.58 4.27 1.55
C GLU B 140 -39.98 3.91 0.16
N LEU B 141 -40.85 3.42 -0.76
CA LEU B 141 -40.49 3.04 -2.12
C LEU B 141 -40.97 4.05 -3.16
N SER B 142 -41.21 5.32 -2.76
CA SER B 142 -41.70 6.38 -3.65
C SER B 142 -40.74 6.74 -4.80
N ARG B 143 -39.42 6.52 -4.59
CA ARG B 143 -38.40 6.82 -5.57
C ARG B 143 -38.15 5.65 -6.53
N ILE B 144 -38.70 4.45 -6.21
CA ILE B 144 -38.60 3.31 -7.13
C ILE B 144 -39.88 3.40 -7.93
N ILE B 145 -39.79 4.04 -9.08
CA ILE B 145 -40.91 4.30 -9.98
C ILE B 145 -41.36 3.02 -10.73
N ASP B 146 -40.49 1.99 -10.78
CA ASP B 146 -40.77 0.69 -11.39
C ASP B 146 -40.03 -0.37 -10.57
N SER B 147 -40.77 -1.18 -9.81
CA SER B 147 -40.26 -2.22 -8.93
C SER B 147 -40.32 -3.62 -9.54
N GLY B 148 -40.77 -3.71 -10.80
CA GLY B 148 -40.89 -4.98 -11.50
C GLY B 148 -42.10 -5.81 -11.14
N GLU B 149 -43.11 -5.17 -10.48
CA GLU B 149 -44.38 -5.77 -10.03
C GLU B 149 -45.23 -6.19 -11.22
N GLY B 150 -45.86 -7.36 -11.12
CA GLY B 150 -46.73 -7.89 -12.17
C GLY B 150 -46.01 -8.65 -13.28
N LEU B 151 -44.68 -8.48 -13.39
CA LEU B 151 -43.84 -9.15 -14.39
C LEU B 151 -43.63 -10.63 -14.03
N SER B 152 -43.41 -11.48 -15.05
CA SER B 152 -43.17 -12.92 -14.91
C SER B 152 -41.71 -13.20 -14.58
N MET B 153 -41.34 -14.48 -14.46
CA MET B 153 -39.96 -14.88 -14.19
C MET B 153 -39.12 -14.56 -15.44
N GLU B 154 -39.72 -14.75 -16.63
CA GLU B 154 -39.15 -14.52 -17.96
C GLU B 154 -38.81 -13.03 -18.16
N THR B 155 -39.77 -12.13 -17.83
CA THR B 155 -39.63 -10.68 -17.98
C THR B 155 -38.77 -10.01 -16.90
N THR B 156 -38.30 -10.77 -15.90
CA THR B 156 -37.40 -10.28 -14.85
C THR B 156 -35.99 -10.83 -15.06
N ASP B 157 -35.84 -11.74 -16.06
CA ASP B 157 -34.57 -12.38 -16.43
C ASP B 157 -33.83 -11.54 -17.47
N ALA B 158 -32.68 -10.94 -17.07
CA ALA B 158 -31.83 -10.09 -17.93
C ALA B 158 -31.22 -10.83 -19.14
N THR B 159 -31.28 -12.17 -19.16
CA THR B 159 -30.78 -12.99 -20.26
C THR B 159 -31.90 -13.26 -21.30
N GLN B 160 -33.09 -12.64 -21.09
CA GLN B 160 -34.28 -12.76 -21.94
C GLN B 160 -34.64 -11.40 -22.57
N LYS B 161 -34.98 -11.39 -23.87
CA LYS B 161 -35.33 -10.20 -24.66
C LYS B 161 -36.49 -9.40 -24.07
N THR B 162 -37.54 -10.13 -23.61
CA THR B 162 -38.78 -9.63 -23.01
C THR B 162 -38.54 -8.70 -21.80
N HIS B 163 -37.45 -8.94 -21.03
CA HIS B 163 -37.06 -8.11 -19.88
C HIS B 163 -36.66 -6.69 -20.34
N TRP B 164 -35.87 -6.60 -21.42
CA TRP B 164 -35.36 -5.35 -22.01
C TRP B 164 -36.44 -4.60 -22.76
N ASP B 165 -37.38 -5.33 -23.40
CA ASP B 165 -38.48 -4.75 -24.14
C ASP B 165 -39.40 -3.92 -23.23
N LEU B 166 -39.63 -4.42 -22.00
CA LEU B 166 -40.52 -3.80 -21.03
C LEU B 166 -39.83 -2.92 -19.98
N ILE B 167 -38.54 -2.61 -20.16
CA ILE B 167 -37.78 -1.78 -19.22
C ILE B 167 -38.29 -0.31 -19.18
N HIS B 168 -39.00 0.13 -20.25
CA HIS B 168 -39.53 1.49 -20.38
C HIS B 168 -41.03 1.61 -20.13
N ARG B 169 -41.64 0.60 -19.47
CA ARG B 169 -43.09 0.62 -19.18
C ARG B 169 -43.53 1.79 -18.28
N VAL B 170 -42.62 2.31 -17.43
CA VAL B 170 -42.87 3.46 -16.56
C VAL B 170 -41.88 4.58 -16.93
N SER B 171 -40.57 4.32 -16.80
CA SER B 171 -39.54 5.30 -17.08
C SER B 171 -39.29 5.48 -18.57
N LYS B 172 -39.47 6.73 -19.03
CA LYS B 172 -39.26 7.09 -20.43
C LYS B 172 -37.89 7.76 -20.62
N ASP B 173 -37.00 7.57 -19.65
CA ASP B 173 -35.62 8.06 -19.63
C ASP B 173 -34.69 6.98 -20.17
N ALA B 174 -33.73 7.36 -21.02
CA ALA B 174 -32.75 6.42 -21.63
C ALA B 174 -31.89 5.73 -20.57
N LEU B 175 -31.36 4.52 -20.90
CA LEU B 175 -30.49 3.79 -19.98
C LEU B 175 -29.08 4.38 -20.05
N LEU B 176 -28.91 5.57 -19.45
CA LEU B 176 -27.65 6.31 -19.39
C LEU B 176 -26.64 5.50 -18.59
N ILE B 177 -27.01 5.05 -17.39
CA ILE B 177 -26.21 4.20 -16.51
C ILE B 177 -27.07 3.03 -16.04
N THR B 178 -26.64 1.81 -16.39
CA THR B 178 -27.32 0.56 -16.02
C THR B 178 -26.36 -0.22 -15.11
N LEU B 179 -26.81 -0.59 -13.91
CA LEU B 179 -26.00 -1.29 -12.92
C LEU B 179 -26.47 -2.71 -12.84
N CYS B 180 -25.53 -3.66 -13.02
CA CYS B 180 -25.83 -5.09 -12.96
C CYS B 180 -24.95 -5.80 -11.96
N ASP B 181 -25.58 -6.43 -10.95
CA ASP B 181 -24.89 -7.15 -9.89
C ASP B 181 -25.41 -8.59 -9.84
N ALA B 182 -25.93 -9.07 -10.96
CA ALA B 182 -26.42 -10.44 -11.09
C ALA B 182 -25.25 -11.43 -11.02
N GLU B 183 -25.53 -12.63 -10.51
CA GLU B 183 -24.56 -13.74 -10.47
C GLU B 183 -24.99 -14.69 -11.57
N PHE B 184 -24.13 -14.84 -12.60
CA PHE B 184 -24.48 -15.68 -13.73
C PHE B 184 -23.93 -17.09 -13.63
N LYS B 185 -24.71 -18.05 -14.17
CA LYS B 185 -24.42 -19.49 -14.22
C LYS B 185 -23.07 -19.67 -14.95
N ASP B 186 -22.98 -19.18 -16.18
CA ASP B 186 -21.75 -19.21 -16.97
C ASP B 186 -21.50 -17.86 -17.67
N ARG B 187 -20.33 -17.71 -18.33
CA ARG B 187 -19.96 -16.49 -19.08
C ARG B 187 -20.89 -16.26 -20.28
N ASP B 188 -21.48 -17.34 -20.82
CA ASP B 188 -22.42 -17.26 -21.95
C ASP B 188 -23.71 -16.57 -21.52
N ASP B 189 -24.09 -16.73 -20.24
CA ASP B 189 -25.26 -16.09 -19.62
C ASP B 189 -25.00 -14.59 -19.47
N PHE B 190 -23.77 -14.23 -19.03
CA PHE B 190 -23.32 -12.86 -18.90
C PHE B 190 -23.35 -12.21 -20.29
N PHE B 191 -22.83 -12.95 -21.31
CA PHE B 191 -22.81 -12.52 -22.71
C PHE B 191 -24.21 -12.32 -23.27
N LYS B 192 -25.19 -13.13 -22.83
CA LYS B 192 -26.59 -13.04 -23.26
C LYS B 192 -27.16 -11.68 -22.84
N MET B 193 -26.86 -11.27 -21.59
CA MET B 193 -27.28 -10.01 -20.99
C MET B 193 -26.59 -8.83 -21.70
N VAL B 194 -25.25 -8.89 -21.89
CA VAL B 194 -24.47 -7.83 -22.55
C VAL B 194 -24.97 -7.61 -23.99
N ILE B 195 -25.21 -8.70 -24.75
CA ILE B 195 -25.71 -8.62 -26.12
C ILE B 195 -27.11 -8.01 -26.12
N LEU B 196 -27.98 -8.46 -25.21
CA LEU B 196 -29.36 -7.93 -25.10
C LEU B 196 -29.40 -6.45 -24.73
N TRP B 197 -28.45 -6.00 -23.89
CA TRP B 197 -28.30 -4.60 -23.50
C TRP B 197 -27.96 -3.78 -24.74
N ARG B 198 -26.91 -4.21 -25.50
CA ARG B 198 -26.47 -3.57 -26.74
C ARG B 198 -27.63 -3.51 -27.75
N LYS B 199 -28.29 -4.67 -27.97
CA LYS B 199 -29.43 -4.77 -28.88
C LYS B 199 -30.52 -3.78 -28.48
N HIS B 200 -30.73 -3.58 -27.16
CA HIS B 200 -31.73 -2.63 -26.68
C HIS B 200 -31.33 -1.18 -27.00
N VAL B 201 -30.18 -0.72 -26.44
CA VAL B 201 -29.67 0.66 -26.58
C VAL B 201 -29.44 1.08 -28.05
N LEU B 202 -29.34 0.10 -28.99
CA LEU B 202 -29.17 0.42 -30.42
C LEU B 202 -30.48 0.37 -31.22
N SER B 203 -31.56 -0.19 -30.62
CA SER B 203 -32.89 -0.31 -31.24
C SER B 203 -33.89 0.67 -30.64
N CYS B 204 -33.98 0.70 -29.30
CA CYS B 204 -34.89 1.51 -28.51
C CYS B 204 -34.91 3.00 -28.91
N ARG B 205 -36.11 3.47 -29.33
CA ARG B 205 -36.45 4.85 -29.72
C ARG B 205 -35.93 5.87 -28.70
N ILE B 206 -36.13 5.61 -27.39
CA ILE B 206 -35.73 6.49 -26.28
C ILE B 206 -34.21 6.60 -26.19
N CYS B 207 -33.54 5.44 -26.09
CA CYS B 207 -32.08 5.33 -25.90
C CYS B 207 -31.28 5.78 -27.12
N THR B 208 -31.71 5.40 -28.35
CA THR B 208 -31.02 5.81 -29.60
C THR B 208 -31.03 7.33 -29.75
N THR B 209 -32.17 7.97 -29.37
CA THR B 209 -32.37 9.41 -29.36
C THR B 209 -31.32 10.10 -28.47
N TYR B 210 -30.97 9.46 -27.34
CA TYR B 210 -29.94 10.01 -26.46
C TYR B 210 -28.55 9.93 -27.10
N GLY B 211 -28.24 8.80 -27.74
CA GLY B 211 -26.97 8.59 -28.42
C GLY B 211 -26.29 7.27 -28.12
N THR B 212 -24.96 7.26 -28.20
CA THR B 212 -24.13 6.09 -27.94
C THR B 212 -23.37 6.23 -26.62
N ASP B 213 -23.49 7.39 -25.95
CA ASP B 213 -22.86 7.67 -24.66
C ASP B 213 -23.76 7.10 -23.55
N LEU B 214 -23.94 5.77 -23.58
CA LEU B 214 -24.73 4.98 -22.65
C LEU B 214 -23.80 3.93 -22.03
N TYR B 215 -23.99 3.66 -20.72
CA TYR B 215 -23.11 2.79 -19.95
C TYR B 215 -23.79 1.63 -19.25
N LEU B 216 -23.00 0.56 -19.04
CA LEU B 216 -23.35 -0.66 -18.32
C LEU B 216 -22.21 -1.00 -17.37
N PHE B 217 -22.49 -0.87 -16.08
CA PHE B 217 -21.55 -1.17 -15.01
C PHE B 217 -21.98 -2.51 -14.40
N ALA B 218 -21.34 -3.59 -14.86
CA ALA B 218 -21.68 -4.96 -14.51
C ALA B 218 -20.59 -5.73 -13.76
N LYS B 219 -21.03 -6.60 -12.81
CA LYS B 219 -20.15 -7.51 -12.06
C LYS B 219 -19.64 -8.56 -13.03
N TYR B 220 -18.36 -8.94 -12.93
CA TYR B 220 -17.78 -9.95 -13.83
C TYR B 220 -16.73 -10.78 -13.09
N HIS B 221 -16.60 -12.06 -13.44
CA HIS B 221 -15.57 -12.91 -12.86
C HIS B 221 -14.54 -13.19 -13.92
N ALA B 222 -13.37 -12.54 -13.79
CA ALA B 222 -12.24 -12.66 -14.71
C ALA B 222 -11.53 -13.98 -14.52
N LYS B 223 -11.92 -14.99 -15.31
CA LYS B 223 -11.36 -16.34 -15.24
C LYS B 223 -10.25 -16.57 -16.26
N ASP B 224 -10.46 -16.07 -17.50
CA ASP B 224 -9.55 -16.24 -18.62
C ASP B 224 -8.70 -15.00 -18.92
N CYS B 225 -8.11 -14.98 -20.13
CA CYS B 225 -7.30 -13.91 -20.70
C CYS B 225 -7.61 -13.85 -22.20
N ASN B 226 -7.49 -12.65 -22.81
CA ASN B 226 -7.76 -12.39 -24.24
C ASN B 226 -9.15 -12.88 -24.69
N VAL B 227 -10.21 -12.49 -23.95
CA VAL B 227 -11.60 -12.86 -24.25
C VAL B 227 -12.29 -11.59 -24.76
N LYS B 228 -12.57 -11.57 -26.07
CA LYS B 228 -13.19 -10.43 -26.71
C LYS B 228 -14.64 -10.23 -26.26
N LEU B 229 -15.02 -8.96 -26.02
CA LEU B 229 -16.37 -8.56 -25.65
C LEU B 229 -17.24 -8.68 -26.90
N PRO B 230 -18.61 -8.69 -26.80
CA PRO B 230 -19.42 -8.76 -28.03
C PRO B 230 -19.13 -7.59 -28.98
N PHE B 231 -19.51 -7.74 -30.26
CA PHE B 231 -19.33 -6.69 -31.25
C PHE B 231 -19.93 -5.36 -30.78
N PHE B 232 -19.17 -4.27 -30.95
CA PHE B 232 -19.52 -2.88 -30.61
C PHE B 232 -19.76 -2.65 -29.11
N VAL B 233 -19.11 -3.46 -28.25
CA VAL B 233 -19.15 -3.32 -26.79
C VAL B 233 -17.70 -3.13 -26.34
N ARG B 234 -17.40 -1.95 -25.75
CA ARG B 234 -16.06 -1.55 -25.31
C ARG B 234 -16.00 -1.31 -23.79
N SER B 235 -14.99 -1.90 -23.13
CA SER B 235 -14.71 -1.71 -21.70
C SER B 235 -13.94 -0.39 -21.54
N VAL B 236 -14.45 0.49 -20.68
CA VAL B 236 -13.86 1.80 -20.38
C VAL B 236 -12.86 1.66 -19.22
N ALA B 237 -13.25 0.94 -18.15
CA ALA B 237 -12.43 0.70 -16.98
C ALA B 237 -12.89 -0.55 -16.24
N THR B 238 -11.96 -1.10 -15.44
CA THR B 238 -12.17 -2.27 -14.58
C THR B 238 -11.93 -1.81 -13.14
N PHE B 239 -12.85 -2.18 -12.24
CA PHE B 239 -12.79 -1.83 -10.83
C PHE B 239 -12.62 -3.08 -9.98
N ILE B 240 -11.55 -3.11 -9.17
CA ILE B 240 -11.23 -4.21 -8.25
C ILE B 240 -11.57 -3.68 -6.86
N MET B 241 -12.57 -4.31 -6.20
CA MET B 241 -13.09 -3.88 -4.91
C MET B 241 -12.48 -4.63 -3.76
N GLN B 242 -12.14 -3.91 -2.69
CA GLN B 242 -11.63 -4.47 -1.44
C GLN B 242 -12.66 -5.43 -0.83
N GLY B 243 -13.96 -5.09 -0.98
CA GLY B 243 -15.10 -5.83 -0.45
C GLY B 243 -15.44 -7.13 -1.16
N SER B 244 -14.74 -7.46 -2.24
CA SER B 244 -14.94 -8.70 -2.97
C SER B 244 -14.21 -9.83 -2.22
N LYS B 245 -14.76 -11.07 -2.31
CA LYS B 245 -14.18 -12.28 -1.72
C LYS B 245 -12.74 -12.38 -2.22
N LEU B 246 -11.79 -12.58 -1.31
CA LEU B 246 -10.37 -12.65 -1.60
C LEU B 246 -10.01 -13.77 -2.55
N SER B 247 -10.61 -14.95 -2.38
CA SER B 247 -10.30 -16.12 -3.19
C SER B 247 -10.61 -16.01 -4.68
N GLY B 248 -11.77 -15.47 -5.04
CA GLY B 248 -12.19 -15.39 -6.44
C GLY B 248 -11.44 -14.46 -7.36
N SER B 249 -12.10 -14.00 -8.43
CA SER B 249 -11.55 -13.02 -9.37
C SER B 249 -12.67 -12.08 -9.90
N GLU B 250 -13.53 -11.67 -8.95
CA GLU B 250 -14.64 -10.76 -9.16
C GLU B 250 -14.11 -9.36 -9.36
N CYS B 251 -14.78 -8.60 -10.23
CA CYS B 251 -14.50 -7.21 -10.54
C CYS B 251 -15.77 -6.59 -11.13
N TYR B 252 -15.76 -5.27 -11.26
CA TYR B 252 -16.86 -4.53 -11.85
C TYR B 252 -16.33 -3.84 -13.07
N ILE B 253 -16.97 -4.10 -14.20
CA ILE B 253 -16.53 -3.57 -15.48
C ILE B 253 -17.52 -2.52 -16.00
N LEU B 254 -16.99 -1.38 -16.43
CA LEU B 254 -17.75 -0.26 -16.98
C LEU B 254 -17.66 -0.36 -18.49
N LEU B 255 -18.77 -0.74 -19.12
CA LEU B 255 -18.87 -0.96 -20.57
C LEU B 255 -19.67 0.14 -21.24
N THR B 256 -19.35 0.42 -22.50
CA THR B 256 -20.05 1.37 -23.34
C THR B 256 -20.09 0.85 -24.80
N LEU B 257 -20.70 1.61 -25.70
CA LEU B 257 -20.75 1.27 -27.10
C LEU B 257 -19.52 1.85 -27.76
N GLY B 258 -18.95 1.10 -28.69
CA GLY B 258 -17.76 1.47 -29.43
C GLY B 258 -16.97 0.25 -29.82
N HIS B 259 -15.96 0.40 -30.71
CA HIS B 259 -15.13 -0.71 -31.18
C HIS B 259 -14.69 -1.61 -30.03
N HIS B 260 -15.07 -2.89 -30.11
CA HIS B 260 -14.85 -3.88 -29.06
C HIS B 260 -13.39 -4.08 -28.66
N ASN B 261 -13.20 -4.50 -27.41
CA ASN B 261 -11.92 -4.82 -26.80
C ASN B 261 -12.09 -6.06 -25.92
N ASN B 262 -11.04 -6.45 -25.21
CA ASN B 262 -11.04 -7.64 -24.36
C ASN B 262 -11.60 -7.38 -22.98
N LEU B 263 -12.13 -8.45 -22.36
CA LEU B 263 -12.59 -8.46 -20.98
C LEU B 263 -11.32 -8.49 -20.07
N PRO B 264 -11.41 -8.08 -18.77
CA PRO B 264 -10.21 -8.12 -17.91
C PRO B 264 -9.65 -9.53 -17.74
N CYS B 265 -8.32 -9.62 -17.76
CA CYS B 265 -7.67 -10.90 -17.62
C CYS B 265 -7.46 -11.24 -16.13
N HIS B 266 -7.62 -12.52 -15.81
CA HIS B 266 -7.48 -13.06 -14.45
C HIS B 266 -6.20 -12.58 -13.73
N GLY B 267 -5.08 -12.58 -14.44
CA GLY B 267 -3.77 -12.14 -13.95
C GLY B 267 -3.72 -10.72 -13.45
N GLU B 268 -4.32 -9.77 -14.22
CA GLU B 268 -4.38 -8.34 -13.87
C GLU B 268 -5.15 -8.11 -12.58
N ILE B 269 -6.32 -8.75 -12.46
CA ILE B 269 -7.22 -8.68 -11.33
C ILE B 269 -6.55 -9.17 -10.06
N GLN B 270 -5.75 -10.25 -10.18
CA GLN B 270 -5.04 -10.87 -9.04
C GLN B 270 -4.03 -9.95 -8.38
N ASN B 271 -3.15 -9.32 -9.17
CA ASN B 271 -2.14 -8.39 -8.66
C ASN B 271 -2.80 -7.20 -7.96
N SER B 272 -3.87 -6.67 -8.57
CA SER B 272 -4.66 -5.56 -8.07
C SER B 272 -5.37 -5.93 -6.76
N LYS B 273 -5.99 -7.11 -6.72
CA LYS B 273 -6.68 -7.66 -5.56
C LYS B 273 -5.70 -7.85 -4.39
N MET B 274 -4.52 -8.44 -4.66
CA MET B 274 -3.48 -8.67 -3.65
C MET B 274 -2.94 -7.39 -3.00
N LYS B 275 -2.71 -6.33 -3.80
CA LYS B 275 -2.21 -5.05 -3.31
C LYS B 275 -3.19 -4.48 -2.29
N ILE B 276 -4.49 -4.50 -2.60
CA ILE B 276 -5.53 -4.02 -1.68
C ILE B 276 -5.54 -4.84 -0.39
N ALA B 277 -5.32 -6.15 -0.47
CA ALA B 277 -5.30 -7.01 0.71
C ALA B 277 -4.07 -6.77 1.60
N VAL B 278 -2.88 -6.69 0.98
CA VAL B 278 -1.60 -6.48 1.67
C VAL B 278 -1.46 -5.05 2.24
N CYS B 279 -1.91 -4.03 1.48
CA CYS B 279 -1.73 -2.61 1.80
C CYS B 279 -2.83 -1.95 2.60
N ASN B 280 -4.09 -2.23 2.26
CA ASN B 280 -5.24 -1.53 2.80
C ASN B 280 -5.96 -2.19 3.96
N ASP B 281 -6.65 -1.36 4.75
CA ASP B 281 -7.47 -1.72 5.91
C ASP B 281 -8.93 -1.45 5.58
N PHE B 282 -9.84 -2.29 6.13
CA PHE B 282 -11.28 -2.13 5.98
C PHE B 282 -11.69 -1.00 6.90
N TYR B 283 -12.42 -0.02 6.34
CA TYR B 283 -12.93 1.11 7.12
C TYR B 283 -14.23 0.66 7.74
N ALA B 284 -14.47 1.04 9.00
CA ALA B 284 -15.71 0.74 9.68
C ALA B 284 -16.69 1.89 9.35
N ALA B 285 -17.99 1.66 9.55
CA ALA B 285 -19.01 2.70 9.34
C ALA B 285 -18.90 3.70 10.51
N LYS B 286 -19.02 5.00 10.22
CA LYS B 286 -18.95 6.09 11.20
C LYS B 286 -19.98 5.97 12.31
N LYS B 287 -21.19 5.48 11.99
CA LYS B 287 -22.28 5.27 12.94
C LYS B 287 -22.69 3.80 12.98
N LEU B 288 -23.11 3.31 14.17
CA LEU B 288 -23.58 1.93 14.38
C LEU B 288 -25.11 1.91 14.41
N ASP B 289 -25.72 1.17 13.47
CA ASP B 289 -27.16 0.98 13.40
C ASP B 289 -27.48 -0.17 14.34
N ASN B 290 -27.74 0.17 15.61
CA ASN B 290 -28.02 -0.78 16.69
C ASN B 290 -29.20 -1.72 16.39
N LYS B 291 -30.24 -1.22 15.69
CA LYS B 291 -31.42 -2.00 15.29
C LYS B 291 -31.01 -3.18 14.39
N SER B 292 -30.08 -2.94 13.43
CA SER B 292 -29.57 -3.94 12.47
C SER B 292 -28.58 -4.90 13.09
N ILE B 293 -27.75 -4.41 14.03
CA ILE B 293 -26.76 -5.23 14.74
C ILE B 293 -27.54 -6.25 15.58
N GLU B 294 -28.59 -5.78 16.30
CA GLU B 294 -29.49 -6.64 17.08
C GLU B 294 -30.18 -7.67 16.18
N ALA B 295 -30.58 -7.23 14.97
CA ALA B 295 -31.24 -8.06 13.97
C ALA B 295 -30.31 -9.16 13.46
N ASN B 296 -29.04 -8.83 13.13
CA ASN B 296 -28.02 -9.77 12.66
C ASN B 296 -27.60 -10.76 13.76
N CYS B 297 -27.64 -10.32 15.03
CA CYS B 297 -27.32 -11.16 16.19
C CYS B 297 -28.36 -12.26 16.35
N LYS B 298 -29.65 -11.85 16.35
CA LYS B 298 -30.81 -12.74 16.49
C LYS B 298 -30.93 -13.68 15.29
N SER B 299 -30.40 -13.27 14.13
CA SER B 299 -30.39 -14.05 12.90
C SER B 299 -29.32 -15.13 13.00
N LEU B 300 -28.17 -14.79 13.61
CA LEU B 300 -27.04 -15.71 13.82
C LEU B 300 -27.39 -16.72 14.91
N LEU B 301 -27.85 -16.23 16.07
CA LEU B 301 -28.21 -17.04 17.22
C LEU B 301 -29.43 -16.41 17.89
N SER B 302 -30.56 -17.14 17.88
CA SER B 302 -31.81 -16.68 18.49
C SER B 302 -31.60 -16.38 19.98
N GLY B 303 -31.89 -15.14 20.36
CA GLY B 303 -31.74 -14.68 21.74
C GLY B 303 -30.45 -13.97 22.07
N LEU B 304 -29.52 -13.86 21.09
CA LEU B 304 -28.24 -13.18 21.28
C LEU B 304 -28.47 -11.66 21.37
N ARG B 305 -28.01 -11.05 22.47
CA ARG B 305 -28.18 -9.62 22.75
C ARG B 305 -26.86 -8.85 22.66
N ILE B 306 -26.95 -7.50 22.62
CA ILE B 306 -25.80 -6.60 22.59
C ILE B 306 -25.80 -5.73 23.87
N PRO B 307 -24.63 -5.45 24.51
CA PRO B 307 -23.25 -5.79 24.12
C PRO B 307 -22.92 -7.28 24.26
N ILE B 308 -22.13 -7.81 23.32
CA ILE B 308 -21.68 -9.21 23.37
C ILE B 308 -20.48 -9.26 24.31
N ASN B 309 -20.73 -9.57 25.59
CA ASN B 309 -19.70 -9.66 26.63
C ASN B 309 -19.61 -11.09 27.19
N LYS B 310 -18.68 -11.32 28.14
CA LYS B 310 -18.48 -12.62 28.79
C LYS B 310 -19.79 -13.12 29.43
N LYS B 311 -20.52 -12.23 30.15
CA LYS B 311 -21.80 -12.52 30.79
C LYS B 311 -22.85 -12.97 29.78
N GLU B 312 -22.90 -12.30 28.61
CA GLU B 312 -23.81 -12.60 27.50
C GLU B 312 -23.57 -14.00 26.92
N LEU B 313 -22.28 -14.34 26.69
CA LEU B 313 -21.89 -15.63 26.12
C LEU B 313 -22.09 -16.79 27.10
N ASN B 314 -21.86 -16.56 28.42
CA ASN B 314 -22.07 -17.56 29.46
C ASN B 314 -23.56 -17.86 29.65
N ARG B 315 -24.44 -16.87 29.35
CA ARG B 315 -25.88 -17.00 29.43
C ARG B 315 -26.37 -17.88 28.27
N GLN B 316 -25.78 -17.70 27.07
CA GLN B 316 -26.09 -18.48 25.88
C GLN B 316 -25.71 -19.95 26.03
N ARG B 317 -24.60 -20.24 26.77
CA ARG B 317 -24.15 -21.60 27.05
C ARG B 317 -25.10 -22.28 28.03
N ARG B 318 -25.54 -21.51 29.04
CA ARG B 318 -26.49 -21.92 30.08
C ARG B 318 -27.85 -22.32 29.49
N LEU B 319 -28.31 -21.59 28.45
CA LEU B 319 -29.59 -21.84 27.77
C LEU B 319 -29.61 -23.18 27.03
N LEU B 320 -28.44 -23.63 26.54
CA LEU B 320 -28.27 -24.88 25.78
C LEU B 320 -28.44 -26.13 26.65
N THR B 321 -28.07 -26.05 27.93
CA THR B 321 -28.16 -27.18 28.87
C THR B 321 -29.63 -27.48 29.25
N LEU B 322 -30.60 -26.73 28.69
CA LEU B 322 -32.03 -26.94 28.92
C LEU B 322 -32.60 -27.94 27.91
N SER B 340 -32.37 -31.43 16.46
CA SER B 340 -32.37 -31.03 17.86
C SER B 340 -30.94 -30.95 18.40
N LYS B 341 -30.22 -32.10 18.42
CA LYS B 341 -28.82 -32.20 18.84
C LYS B 341 -27.91 -31.49 17.82
N TRP B 342 -28.39 -31.38 16.56
CA TRP B 342 -27.71 -30.70 15.46
C TRP B 342 -27.72 -29.18 15.66
N LEU B 343 -28.86 -28.64 16.16
CA LEU B 343 -29.04 -27.21 16.42
C LEU B 343 -28.20 -26.72 17.61
N THR B 344 -28.06 -27.56 18.65
CA THR B 344 -27.26 -27.25 19.85
C THR B 344 -25.77 -27.29 19.48
N ASN B 345 -25.41 -28.13 18.49
CA ASN B 345 -24.04 -28.29 17.99
C ASN B 345 -23.59 -27.02 17.27
N LYS B 346 -24.46 -26.46 16.39
CA LYS B 346 -24.22 -25.22 15.65
C LYS B 346 -24.11 -24.02 16.59
N ALA B 347 -24.94 -24.01 17.65
CA ALA B 347 -24.96 -22.96 18.68
C ALA B 347 -23.65 -22.91 19.46
N ASN B 348 -23.09 -24.09 19.82
CA ASN B 348 -21.81 -24.18 20.54
C ASN B 348 -20.66 -23.69 19.66
N THR B 349 -20.70 -24.06 18.34
CA THR B 349 -19.71 -23.65 17.33
C THR B 349 -19.64 -22.11 17.28
N ILE B 350 -20.82 -21.44 17.24
CA ILE B 350 -21.00 -19.99 17.22
C ILE B 350 -20.44 -19.33 18.48
N ILE B 351 -20.87 -19.80 19.67
CA ILE B 351 -20.42 -19.26 20.97
C ILE B 351 -18.90 -19.39 21.12
N ASP B 352 -18.34 -20.57 20.72
CA ASP B 352 -16.90 -20.85 20.78
C ASP B 352 -16.10 -19.83 19.99
N TRP B 353 -16.61 -19.45 18.80
CA TRP B 353 -15.97 -18.45 17.94
C TRP B 353 -16.08 -17.05 18.55
N LEU B 354 -17.30 -16.66 18.99
CA LEU B 354 -17.54 -15.34 19.60
C LEU B 354 -16.72 -15.16 20.87
N GLU B 355 -16.53 -16.26 21.64
CA GLU B 355 -15.71 -16.33 22.85
C GLU B 355 -14.24 -16.14 22.48
N HIS B 356 -13.82 -16.69 21.32
CA HIS B 356 -12.45 -16.55 20.81
C HIS B 356 -12.19 -15.11 20.41
N ILE B 357 -13.16 -14.45 19.75
CA ILE B 357 -13.09 -13.04 19.33
C ILE B 357 -13.05 -12.13 20.56
N LEU B 358 -13.88 -12.45 21.57
CA LEU B 358 -13.99 -11.75 22.85
C LEU B 358 -12.62 -11.71 23.56
N ASN B 359 -11.96 -12.89 23.65
CA ASN B 359 -10.66 -13.07 24.29
C ASN B 359 -9.49 -12.59 23.43
N SER B 360 -9.69 -12.49 22.11
CA SER B 360 -8.67 -12.03 21.17
C SER B 360 -8.31 -10.56 21.37
N PRO B 361 -7.05 -10.14 21.09
CA PRO B 361 -6.70 -8.73 21.26
C PRO B 361 -7.27 -7.85 20.15
N LYS B 362 -7.32 -6.53 20.38
CA LYS B 362 -7.79 -5.60 19.35
C LYS B 362 -6.69 -5.42 18.31
N GLY B 363 -7.09 -5.46 17.05
CA GLY B 363 -6.19 -5.26 15.93
C GLY B 363 -6.84 -4.36 14.90
N GLU B 364 -6.10 -4.07 13.81
CA GLU B 364 -6.63 -3.28 12.72
C GLU B 364 -7.41 -4.20 11.79
N LEU B 365 -8.47 -3.69 11.13
CA LEU B 365 -9.29 -4.52 10.23
C LEU B 365 -8.58 -4.78 8.90
N ASN B 366 -7.67 -5.77 8.88
CA ASN B 366 -6.91 -6.18 7.70
C ASN B 366 -6.70 -7.68 7.63
N TYR B 367 -6.39 -8.20 6.43
CA TYR B 367 -6.21 -9.63 6.20
C TYR B 367 -5.03 -10.25 6.98
N ASP B 368 -4.08 -9.43 7.44
CA ASP B 368 -2.97 -9.94 8.27
C ASP B 368 -3.52 -10.32 9.65
N PHE B 369 -4.41 -9.47 10.21
CA PHE B 369 -5.06 -9.69 11.50
C PHE B 369 -6.09 -10.81 11.42
N PHE B 370 -6.82 -10.90 10.29
CA PHE B 370 -7.83 -11.92 10.05
C PHE B 370 -7.21 -13.30 9.94
N GLU B 371 -5.93 -13.34 9.47
CA GLU B 371 -5.15 -14.56 9.34
C GLU B 371 -4.75 -15.03 10.73
N ALA B 372 -4.45 -14.08 11.63
CA ALA B 372 -4.06 -14.35 13.02
C ALA B 372 -5.26 -14.93 13.78
N LEU B 373 -6.44 -14.27 13.72
CA LEU B 373 -7.67 -14.73 14.37
C LEU B 373 -8.03 -16.18 13.99
N GLU B 374 -7.86 -16.53 12.71
CA GLU B 374 -8.15 -17.88 12.23
C GLU B 374 -7.13 -18.92 12.69
N ASN B 375 -5.84 -18.60 12.55
CA ASN B 375 -4.76 -19.52 12.87
C ASN B 375 -4.44 -19.61 14.38
N THR B 376 -5.26 -18.93 15.23
CA THR B 376 -5.18 -18.98 16.70
C THR B 376 -6.40 -19.74 17.27
N TYR B 377 -7.39 -20.05 16.39
CA TYR B 377 -8.59 -20.81 16.72
C TYR B 377 -8.33 -22.29 16.37
N PRO B 378 -8.41 -23.22 17.35
CA PRO B 378 -8.08 -24.64 17.06
C PRO B 378 -9.04 -25.44 16.18
N ASN B 379 -10.35 -25.14 16.22
CA ASN B 379 -11.36 -25.90 15.48
C ASN B 379 -11.89 -25.16 14.23
N MET B 380 -10.98 -24.56 13.42
CA MET B 380 -11.36 -23.81 12.22
C MET B 380 -12.11 -24.66 11.20
N ILE B 381 -11.62 -25.89 10.98
CA ILE B 381 -12.20 -26.83 10.03
C ILE B 381 -13.56 -27.35 10.53
N LYS B 382 -13.71 -27.48 11.86
CA LYS B 382 -14.97 -27.91 12.47
C LYS B 382 -16.05 -26.82 12.26
N LEU B 383 -15.64 -25.54 12.33
CA LEU B 383 -16.50 -24.37 12.14
C LEU B 383 -17.08 -24.35 10.72
N ILE B 384 -16.20 -24.33 9.70
CA ILE B 384 -16.53 -24.27 8.27
C ILE B 384 -17.38 -25.49 7.85
N ASP B 385 -17.19 -26.62 8.53
CA ASP B 385 -17.94 -27.86 8.27
C ASP B 385 -19.35 -27.83 8.88
N ASN B 386 -19.49 -27.31 10.12
CA ASN B 386 -20.78 -27.27 10.80
C ASN B 386 -21.71 -26.15 10.32
N LEU B 387 -21.16 -24.96 9.98
CA LEU B 387 -21.99 -23.83 9.54
C LEU B 387 -22.02 -23.63 8.03
N GLY B 388 -23.19 -23.31 7.50
CA GLY B 388 -23.41 -23.05 6.08
C GLY B 388 -22.90 -21.67 5.68
N ASN B 389 -22.87 -21.39 4.36
CA ASN B 389 -22.38 -20.13 3.80
C ASN B 389 -23.04 -18.89 4.37
N ALA B 390 -24.38 -18.89 4.47
CA ALA B 390 -25.15 -17.76 5.02
C ALA B 390 -24.87 -17.55 6.51
N GLU B 391 -24.75 -18.65 7.29
CA GLU B 391 -24.45 -18.64 8.73
C GLU B 391 -23.07 -18.05 9.02
N ILE B 392 -22.08 -18.34 8.14
CA ILE B 392 -20.70 -17.87 8.26
C ILE B 392 -20.60 -16.38 7.89
N LYS B 393 -21.42 -15.90 6.93
CA LYS B 393 -21.44 -14.49 6.55
C LYS B 393 -22.03 -13.68 7.70
N LYS B 394 -23.08 -14.24 8.37
CA LYS B 394 -23.73 -13.66 9.55
C LYS B 394 -22.73 -13.62 10.71
N LEU B 395 -21.92 -14.68 10.85
CA LEU B 395 -20.90 -14.77 11.89
C LEU B 395 -19.83 -13.69 11.71
N ILE B 396 -19.43 -13.40 10.45
CA ILE B 396 -18.41 -12.38 10.17
C ILE B 396 -18.98 -10.97 10.41
N LYS B 397 -20.29 -10.75 10.10
CA LYS B 397 -20.93 -9.47 10.38
C LYS B 397 -20.88 -9.19 11.87
N VAL B 398 -21.28 -10.18 12.70
CA VAL B 398 -21.26 -10.12 14.18
C VAL B 398 -19.84 -9.91 14.70
N THR B 399 -18.86 -10.69 14.17
CA THR B 399 -17.42 -10.61 14.50
C THR B 399 -16.88 -9.19 14.31
N GLY B 400 -17.18 -8.61 13.15
CA GLY B 400 -16.78 -7.26 12.79
C GLY B 400 -17.31 -6.21 13.75
N TYR B 401 -18.58 -6.36 14.17
CA TYR B 401 -19.22 -5.47 15.14
C TYR B 401 -18.41 -5.48 16.45
N MET B 402 -18.07 -6.69 16.94
CA MET B 402 -17.30 -6.95 18.15
C MET B 402 -15.91 -6.33 18.08
N LEU B 403 -15.19 -6.55 16.96
CA LEU B 403 -13.82 -6.04 16.74
C LEU B 403 -13.75 -4.51 16.75
N VAL B 404 -14.79 -3.87 16.19
CA VAL B 404 -14.95 -2.42 16.12
C VAL B 404 -15.28 -1.87 17.52
N SER B 405 -16.12 -2.61 18.28
CA SER B 405 -16.56 -2.29 19.65
C SER B 405 -15.44 -2.36 20.70
N LYS B 406 -14.33 -3.05 20.39
CA LYS B 406 -13.18 -3.22 21.28
C LYS B 406 -12.47 -1.91 21.67
N LYS B 407 -11.79 -1.92 22.85
CA LYS B 407 -11.02 -0.83 23.46
C LYS B 407 -11.87 0.42 23.69
ZN ZN C . 34.81 5.46 26.13
S SO4 D . 22.51 3.39 -0.97
O1 SO4 D . 21.22 2.91 -0.50
O2 SO4 D . 22.57 3.32 -2.43
O3 SO4 D . 23.57 2.55 -0.45
O4 SO4 D . 22.71 4.77 -0.50
ZN ZN E . -34.25 2.12 -24.03
S SO4 F . -20.04 -10.85 -1.49
O1 SO4 F . -19.51 -11.77 -0.49
O2 SO4 F . -20.18 -11.55 -2.77
O3 SO4 F . -19.13 -9.70 -1.68
O4 SO4 F . -21.37 -10.33 -1.03
#